data_8IEC
#
_entry.id   8IEC
#
_cell.length_a   1.00
_cell.length_b   1.00
_cell.length_c   1.00
_cell.angle_alpha   90.00
_cell.angle_beta   90.00
_cell.angle_gamma   90.00
#
_symmetry.space_group_name_H-M   'P 1'
#
loop_
_entity.id
_entity.type
_entity.pdbx_description
1 polymer 'Guanine nucleotide-binding protein G(o) subunit alpha'
2 polymer 'Guanine nucleotide-binding protein G(I)/G(S)/G(T) subunit beta-1'
3 polymer 'Single-chain variable fragment scFv16'
4 polymer 'Guanine nucleotide-binding protein G(I)/G(S)/G(O) subunit gamma-2'
#
loop_
_entity_poly.entity_id
_entity_poly.type
_entity_poly.pdbx_seq_one_letter_code
_entity_poly.pdbx_strand_id
1 'polypeptide(L)'
;MGCTLSAEDKAAVERSKMIEKNLKEDGISAAKDVKLLLLGADNSGKSTIVKQMKIIHGGSGGSGGTTGIVETHFTFKNLH
FRLFDVGGQRSERKKWIHCFEDVTAIIFCVDLSDYNRMHESLMLFDSICNNKFFIDTSIILFLNKKDLFGEKIKKSPLTI
CFPEYTGPNTYEDAAAYIQAQFESKNRSPNKEIYCHMTCATDTNNAQVIFDAVTDIIIANNLRGCGLY
;
C
2 'polypeptide(L)'
;MHHHHHHLEVLFQGPGSSGSELDQLRQEAEQLKNQIRDARKACADATLSQITNNIDPVGRIQMRTRRTLRGHLAKIYAMH
WGTDSRLLVSASQDGKLIIWDSYTTNKVHAIPLRSSWVMTCAYAPSGNYVACGGLDNICSIYNLKTREGNVRVSRELAGH
TGYLSCCRFLDDNQIVTSSGDTTCALWDIETGQQTTTFTGHTGDVMSLSLAPDTRLFVSGACDASAKLWDVREGMCRQTF
TGHESDINAICFFPNGNAFATGSDDATCRLFDLRADQELMTYSHDNIICGITSVSFSKSGRLLLAGYDDFNCNVWDALKA
DRAGVLAGHDNRVSCLGVTDDGMAVATGSWDSFLKIWN
;
D
3 'polypeptide(L)'
;DPDVQLVESGGGLVQPGGSRKLSCSASGFAFSSFGMHWVRQAPEKGLEWVAYISSGSGTIYYADTVKGRFTISRDDPKNT
LFLQMTSLTSEDTAMYYCVRSIYYYGSSPFDFWGQGTTLTVSSGGGGSGGGGSGGGGSDIVMTQATSSVPVIPGESVSIS
CRSSKSLLHSNGNTYLYWFLQRPGQSPQLLIYRMSNLASGVPDRFSGSGSGTAFTLTISRLEAEDVGVYYCMQHLEYPLT
FGAGTKLELKAAAHHHHHHHH
;
N
4 'polypeptide(L)' MASNNTASIAQARKLVEQLKMEANIDRIKVSKAAADLMAYCEAHAKEDPLLTPVPASENPFREKKFFCAIL Y
#
# COMPACT_ATOMS: atom_id res chain seq x y z
N THR A 4 26.03 14.05 7.47
CA THR A 4 26.74 13.03 6.70
C THR A 4 25.85 12.42 5.64
N LEU A 5 25.97 12.91 4.41
CA LEU A 5 25.17 12.43 3.30
C LEU A 5 26.10 12.01 2.15
N SER A 6 25.73 10.92 1.48
CA SER A 6 26.49 10.44 0.33
C SER A 6 25.84 10.92 -0.96
N ALA A 7 26.46 10.56 -2.09
CA ALA A 7 25.95 10.98 -3.39
C ALA A 7 24.64 10.28 -3.72
N GLU A 8 24.58 8.96 -3.47
CA GLU A 8 23.34 8.23 -3.68
C GLU A 8 22.22 8.73 -2.77
N ASP A 9 22.57 9.08 -1.53
CA ASP A 9 21.59 9.65 -0.61
C ASP A 9 21.07 11.00 -1.13
N LYS A 10 21.97 11.83 -1.66
CA LYS A 10 21.56 13.13 -2.18
C LYS A 10 20.64 12.98 -3.37
N ALA A 11 20.96 12.06 -4.28
CA ALA A 11 20.10 11.89 -5.45
C ALA A 11 18.78 11.23 -5.08
N ALA A 12 18.78 10.40 -4.03
CA ALA A 12 17.52 9.85 -3.52
C ALA A 12 16.66 10.94 -2.92
N VAL A 13 17.27 11.91 -2.23
CA VAL A 13 16.53 13.04 -1.69
C VAL A 13 15.96 13.88 -2.82
N GLU A 14 16.73 14.05 -3.91
CA GLU A 14 16.22 14.78 -5.07
C GLU A 14 15.03 14.04 -5.71
N ARG A 15 15.12 12.72 -5.82
CA ARG A 15 14.01 11.93 -6.36
C ARG A 15 12.77 12.03 -5.47
N SER A 16 12.97 12.02 -4.15
CA SER A 16 11.86 12.21 -3.21
C SER A 16 11.22 13.59 -3.37
N LYS A 17 12.05 14.61 -3.58
CA LYS A 17 11.53 15.96 -3.77
C LYS A 17 10.70 16.03 -5.05
N MET A 18 11.15 15.37 -6.11
CA MET A 18 10.37 15.33 -7.34
C MET A 18 9.05 14.60 -7.13
N ILE A 19 9.07 13.49 -6.38
CA ILE A 19 7.86 12.72 -6.12
C ILE A 19 6.86 13.56 -5.33
N GLU A 20 7.31 14.25 -4.29
CA GLU A 20 6.38 15.03 -3.49
C GLU A 20 5.94 16.32 -4.18
N LYS A 21 6.77 16.88 -5.06
CA LYS A 21 6.32 18.01 -5.86
C LYS A 21 5.22 17.60 -6.84
N ASN A 22 5.38 16.43 -7.47
CA ASN A 22 4.32 15.93 -8.33
C ASN A 22 3.08 15.56 -7.54
N LEU A 23 3.25 15.07 -6.31
CA LEU A 23 2.11 14.82 -5.43
C LEU A 23 1.36 16.11 -5.11
N LYS A 24 2.09 17.18 -4.82
CA LYS A 24 1.45 18.46 -4.54
C LYS A 24 0.74 19.02 -5.78
N GLU A 25 1.34 18.84 -6.95
CA GLU A 25 0.70 19.27 -8.19
C GLU A 25 -0.59 18.50 -8.43
N ASP A 26 -0.57 17.18 -8.21
CA ASP A 26 -1.77 16.37 -8.38
C ASP A 26 -2.85 16.74 -7.37
N GLY A 27 -2.44 17.03 -6.12
CA GLY A 27 -3.40 17.44 -5.12
C GLY A 27 -4.02 18.79 -5.41
N ILE A 28 -3.23 19.72 -5.96
CA ILE A 28 -3.78 21.00 -6.38
C ILE A 28 -4.75 20.83 -7.53
N SER A 29 -4.41 19.97 -8.50
CA SER A 29 -5.29 19.76 -9.65
C SER A 29 -6.59 19.08 -9.24
N ALA A 30 -6.52 18.11 -8.32
CA ALA A 30 -7.70 17.32 -7.98
C ALA A 30 -8.59 17.98 -6.94
N ALA A 31 -8.16 19.08 -6.33
CA ALA A 31 -8.98 19.72 -5.31
C ALA A 31 -10.16 20.49 -5.90
N LYS A 32 -10.10 20.83 -7.19
CA LYS A 32 -11.15 21.60 -7.84
C LYS A 32 -12.22 20.72 -8.47
N ASP A 33 -12.42 19.51 -7.97
CA ASP A 33 -13.41 18.58 -8.48
C ASP A 33 -14.45 18.30 -7.43
N VAL A 34 -15.71 18.57 -7.75
CA VAL A 34 -16.81 18.31 -6.83
C VAL A 34 -17.15 16.83 -6.86
N LYS A 35 -17.24 16.23 -5.68
CA LYS A 35 -17.55 14.82 -5.53
C LYS A 35 -18.95 14.67 -4.92
N LEU A 36 -19.81 13.93 -5.60
CA LEU A 36 -21.17 13.69 -5.16
C LEU A 36 -21.46 12.21 -5.18
N LEU A 37 -22.38 11.78 -4.31
CA LEU A 37 -22.70 10.38 -4.09
C LEU A 37 -24.15 10.11 -4.49
N LEU A 38 -24.34 9.56 -5.68
CA LEU A 38 -25.68 9.20 -6.12
C LEU A 38 -26.20 8.01 -5.32
N LEU A 39 -27.49 8.05 -4.99
CA LEU A 39 -28.11 7.02 -4.20
C LEU A 39 -29.57 6.89 -4.62
N GLY A 40 -30.25 5.92 -4.04
CA GLY A 40 -31.66 5.72 -4.32
C GLY A 40 -31.99 4.24 -4.29
N ALA A 41 -33.18 3.93 -4.79
CA ALA A 41 -33.65 2.56 -4.87
C ALA A 41 -33.27 1.96 -6.22
N ASP A 42 -33.82 0.79 -6.53
CA ASP A 42 -33.53 0.15 -7.81
C ASP A 42 -34.31 0.84 -8.92
N ASN A 43 -33.58 1.22 -9.98
CA ASN A 43 -34.14 1.91 -11.15
C ASN A 43 -34.88 3.19 -10.76
N SER A 44 -34.28 3.96 -9.85
CA SER A 44 -34.87 5.21 -9.36
C SER A 44 -34.34 6.42 -10.12
N GLY A 45 -33.92 6.24 -11.37
CA GLY A 45 -33.44 7.34 -12.17
C GLY A 45 -32.00 7.75 -11.96
N LYS A 46 -31.19 6.87 -11.36
CA LYS A 46 -29.79 7.21 -11.13
C LYS A 46 -29.01 7.24 -12.44
N SER A 47 -29.37 6.39 -13.40
CA SER A 47 -28.61 6.26 -14.64
C SER A 47 -28.82 7.42 -15.60
N THR A 48 -29.86 8.23 -15.40
CA THR A 48 -30.17 9.33 -16.31
C THR A 48 -30.35 10.63 -15.54
N ILE A 49 -29.48 10.88 -14.55
CA ILE A 49 -29.58 12.13 -13.80
C ILE A 49 -29.10 13.30 -14.64
N VAL A 50 -28.07 13.09 -15.46
CA VAL A 50 -27.54 14.12 -16.35
C VAL A 50 -27.38 13.50 -17.74
N LYS A 51 -27.94 14.16 -18.74
CA LYS A 51 -27.92 13.64 -20.10
C LYS A 51 -26.64 13.97 -20.87
N GLN A 52 -25.71 14.71 -20.25
CA GLN A 52 -24.48 15.14 -20.89
C GLN A 52 -23.27 14.75 -20.05
N MET A 53 -23.24 13.49 -19.62
CA MET A 53 -22.18 12.99 -18.75
C MET A 53 -21.36 11.93 -19.47
N LYS A 54 -20.09 11.84 -19.09
CA LYS A 54 -19.15 10.88 -19.68
C LYS A 54 -18.71 9.90 -18.59
N ILE A 55 -18.76 8.61 -18.91
CA ILE A 55 -18.60 7.55 -17.93
C ILE A 55 -17.13 7.10 -17.89
N ILE A 56 -16.62 6.97 -16.67
CA ILE A 56 -15.32 6.35 -16.43
C ILE A 56 -15.47 5.15 -15.52
N THR A 67 -18.77 -4.79 -11.82
CA THR A 67 -17.88 -3.79 -11.24
C THR A 67 -18.31 -3.44 -9.82
N GLY A 68 -17.41 -2.82 -9.07
CA GLY A 68 -17.71 -2.44 -7.71
C GLY A 68 -18.58 -1.20 -7.61
N ILE A 69 -18.05 -0.07 -8.05
CA ILE A 69 -18.80 1.17 -8.11
C ILE A 69 -18.59 1.82 -9.47
N VAL A 70 -19.51 2.69 -9.84
CA VAL A 70 -19.50 3.36 -11.14
C VAL A 70 -19.23 4.83 -10.92
N GLU A 71 -18.28 5.37 -11.66
CA GLU A 71 -17.91 6.78 -11.57
C GLU A 71 -18.16 7.47 -12.89
N THR A 72 -18.91 8.56 -12.86
CA THR A 72 -19.27 9.32 -14.05
C THR A 72 -18.95 10.79 -13.82
N HIS A 73 -18.36 11.43 -14.82
CA HIS A 73 -17.90 12.80 -14.64
C HIS A 73 -18.34 13.68 -15.81
N PHE A 74 -18.55 14.95 -15.49
CA PHE A 74 -18.80 15.98 -16.49
C PHE A 74 -18.40 17.33 -15.91
N THR A 75 -18.15 18.27 -16.81
CA THR A 75 -17.70 19.61 -16.42
C THR A 75 -18.75 20.64 -16.78
N PHE A 76 -19.05 21.52 -15.83
CA PHE A 76 -20.05 22.57 -16.05
C PHE A 76 -19.51 23.86 -15.49
N LYS A 77 -19.40 24.88 -16.35
CA LYS A 77 -18.88 26.20 -16.03
C LYS A 77 -17.49 26.15 -15.40
N ASN A 78 -17.38 26.59 -14.15
CA ASN A 78 -16.09 26.74 -13.50
C ASN A 78 -15.66 25.53 -12.68
N LEU A 79 -16.46 24.46 -12.66
CA LEU A 79 -16.17 23.33 -11.79
C LEU A 79 -16.35 22.02 -12.56
N HIS A 80 -15.65 21.00 -12.09
CA HIS A 80 -15.69 19.65 -12.66
C HIS A 80 -16.40 18.72 -11.69
N PHE A 81 -17.38 17.97 -12.19
CA PHE A 81 -18.24 17.16 -11.35
C PHE A 81 -17.88 15.68 -11.45
N ARG A 82 -18.06 14.97 -10.35
CA ARG A 82 -17.85 13.53 -10.28
C ARG A 82 -18.97 12.90 -9.47
N LEU A 83 -19.57 11.85 -10.02
CA LEU A 83 -20.70 11.17 -9.39
C LEU A 83 -20.34 9.70 -9.16
N PHE A 84 -20.73 9.18 -8.00
CA PHE A 84 -20.48 7.79 -7.63
C PHE A 84 -21.82 7.08 -7.47
N ASP A 85 -22.13 6.18 -8.41
CA ASP A 85 -23.43 5.54 -8.44
C ASP A 85 -23.60 4.51 -7.33
N VAL A 86 -22.49 3.96 -6.82
CA VAL A 86 -22.36 2.95 -5.77
C VAL A 86 -23.36 1.80 -5.96
N GLY A 87 -23.67 1.50 -7.21
CA GLY A 87 -24.56 0.39 -7.53
C GLY A 87 -23.81 -0.93 -7.50
N GLY A 88 -24.51 -1.98 -7.09
CA GLY A 88 -23.93 -3.29 -7.02
C GLY A 88 -23.14 -3.58 -5.76
N GLN A 89 -22.99 -2.60 -4.87
CA GLN A 89 -22.30 -2.81 -3.59
C GLN A 89 -23.31 -3.41 -2.62
N ARG A 90 -23.49 -4.73 -2.72
CA ARG A 90 -24.45 -5.44 -1.90
C ARG A 90 -23.92 -5.73 -0.50
N SER A 91 -22.69 -5.31 -0.19
CA SER A 91 -22.13 -5.55 1.13
C SER A 91 -22.80 -4.67 2.18
N GLU A 92 -22.33 -4.81 3.41
CA GLU A 92 -22.92 -4.06 4.53
C GLU A 92 -22.61 -2.57 4.38
N ARG A 93 -23.65 -1.75 4.47
CA ARG A 93 -23.52 -0.31 4.26
C ARG A 93 -23.09 0.39 5.55
N LYS A 94 -22.04 -0.14 6.17
CA LYS A 94 -21.41 0.49 7.32
C LYS A 94 -19.89 0.41 7.26
N LYS A 95 -19.32 -0.37 6.35
CA LYS A 95 -17.87 -0.57 6.32
C LYS A 95 -17.18 0.26 5.24
N TRP A 96 -17.90 0.70 4.21
CA TRP A 96 -17.32 1.56 3.19
C TRP A 96 -18.00 2.90 3.07
N ILE A 97 -18.93 3.23 3.96
CA ILE A 97 -19.52 4.57 3.97
C ILE A 97 -18.48 5.62 4.32
N HIS A 98 -17.54 5.29 5.23
CA HIS A 98 -16.54 6.27 5.64
C HIS A 98 -15.57 6.61 4.50
N CYS A 99 -15.54 5.80 3.45
CA CYS A 99 -14.83 6.22 2.23
C CYS A 99 -15.48 7.45 1.63
N PHE A 100 -16.81 7.47 1.57
CA PHE A 100 -17.57 8.62 1.07
C PHE A 100 -17.98 9.55 2.20
N GLU A 101 -17.03 9.94 3.05
CA GLU A 101 -17.31 10.86 4.13
C GLU A 101 -17.04 12.32 3.75
N ASP A 102 -16.15 12.55 2.80
CA ASP A 102 -15.76 13.89 2.40
C ASP A 102 -16.49 14.38 1.15
N VAL A 103 -17.60 13.75 0.78
CA VAL A 103 -18.38 14.23 -0.35
C VAL A 103 -19.07 15.53 0.02
N THR A 104 -19.22 16.42 -0.97
CA THR A 104 -19.85 17.71 -0.71
C THR A 104 -21.35 17.59 -0.58
N ALA A 105 -21.97 16.73 -1.39
CA ALA A 105 -23.41 16.55 -1.34
C ALA A 105 -23.77 15.12 -1.70
N ILE A 106 -24.95 14.70 -1.27
CA ILE A 106 -25.49 13.39 -1.56
C ILE A 106 -26.74 13.58 -2.40
N ILE A 107 -26.70 13.12 -3.64
CA ILE A 107 -27.86 13.22 -4.52
C ILE A 107 -28.70 11.98 -4.29
N PHE A 108 -29.90 12.17 -3.73
CA PHE A 108 -30.85 11.09 -3.53
C PHE A 108 -31.91 11.19 -4.61
N CYS A 109 -32.10 10.11 -5.34
CA CYS A 109 -33.08 10.05 -6.41
C CYS A 109 -34.30 9.26 -5.95
N VAL A 110 -35.47 9.86 -6.05
CA VAL A 110 -36.73 9.24 -5.67
C VAL A 110 -37.60 9.12 -6.90
N ASP A 111 -38.14 7.94 -7.13
CA ASP A 111 -39.06 7.70 -8.25
C ASP A 111 -40.46 7.69 -7.68
N LEU A 112 -41.25 8.72 -8.02
CA LEU A 112 -42.61 8.81 -7.53
C LEU A 112 -43.54 7.80 -8.19
N SER A 113 -43.10 7.16 -9.28
CA SER A 113 -43.97 6.24 -9.99
C SER A 113 -44.18 4.94 -9.21
N ASP A 114 -43.11 4.39 -8.65
CA ASP A 114 -43.17 3.09 -7.99
C ASP A 114 -43.72 3.26 -6.59
N TYR A 115 -44.99 2.88 -6.40
CA TYR A 115 -45.60 2.97 -5.08
C TYR A 115 -45.13 1.87 -4.16
N ASN A 116 -44.76 0.71 -4.71
CA ASN A 116 -44.28 -0.39 -3.87
C ASN A 116 -42.91 -0.09 -3.29
N ARG A 117 -42.03 0.53 -4.07
CA ARG A 117 -40.66 0.81 -3.65
C ARG A 117 -40.51 2.18 -3.00
N MET A 118 -41.61 2.92 -2.80
CA MET A 118 -41.52 4.22 -2.15
C MET A 118 -41.05 4.09 -0.70
N HIS A 119 -41.57 3.08 0.01
CA HIS A 119 -41.16 2.89 1.40
C HIS A 119 -39.72 2.43 1.50
N GLU A 120 -39.21 1.74 0.49
CA GLU A 120 -37.78 1.42 0.46
C GLU A 120 -36.94 2.69 0.36
N SER A 121 -37.36 3.63 -0.48
CA SER A 121 -36.66 4.90 -0.58
C SER A 121 -36.75 5.69 0.72
N LEU A 122 -37.91 5.65 1.38
CA LEU A 122 -38.04 6.32 2.67
C LEU A 122 -37.12 5.71 3.72
N MET A 123 -37.02 4.38 3.74
CA MET A 123 -36.13 3.71 4.68
C MET A 123 -34.67 4.05 4.42
N LEU A 124 -34.27 4.07 3.14
CA LEU A 124 -32.90 4.44 2.80
C LEU A 124 -32.61 5.89 3.17
N PHE A 125 -33.58 6.78 2.96
CA PHE A 125 -33.38 8.18 3.32
C PHE A 125 -33.28 8.35 4.82
N ASP A 126 -34.08 7.61 5.59
CA ASP A 126 -33.98 7.66 7.04
C ASP A 126 -32.64 7.11 7.51
N SER A 127 -32.11 6.12 6.79
CA SER A 127 -30.80 5.58 7.16
C SER A 127 -29.69 6.58 6.90
N ILE A 128 -29.66 7.18 5.72
CA ILE A 128 -28.49 7.98 5.34
C ILE A 128 -28.53 9.37 5.96
N CYS A 129 -29.72 9.89 6.29
CA CYS A 129 -29.80 11.25 6.79
C CYS A 129 -29.46 11.36 8.27
N ASN A 130 -29.27 10.23 8.95
CA ASN A 130 -28.95 10.23 10.38
C ASN A 130 -27.68 9.45 10.70
N ASN A 131 -26.93 9.04 9.68
CA ASN A 131 -25.67 8.35 9.87
C ASN A 131 -24.63 9.27 10.50
N LYS A 132 -23.66 8.67 11.18
CA LYS A 132 -22.64 9.46 11.87
C LYS A 132 -21.73 10.18 10.89
N PHE A 133 -21.48 9.60 9.73
CA PHE A 133 -20.63 10.20 8.71
C PHE A 133 -21.36 11.21 7.84
N PHE A 134 -22.69 11.26 7.91
CA PHE A 134 -23.50 12.13 7.05
C PHE A 134 -24.28 13.16 7.86
N ILE A 135 -23.75 13.57 9.01
CA ILE A 135 -24.46 14.55 9.82
C ILE A 135 -24.41 15.93 9.17
N ASP A 136 -23.34 16.23 8.44
CA ASP A 136 -23.14 17.55 7.88
C ASP A 136 -23.34 17.61 6.36
N THR A 137 -23.32 16.46 5.69
CA THR A 137 -23.40 16.43 4.24
C THR A 137 -24.83 16.72 3.80
N SER A 138 -25.00 17.76 2.99
CA SER A 138 -26.32 18.14 2.52
C SER A 138 -26.81 17.17 1.46
N ILE A 139 -28.13 17.18 1.25
CA ILE A 139 -28.79 16.25 0.35
C ILE A 139 -29.56 17.05 -0.70
N ILE A 140 -29.33 16.74 -1.97
CA ILE A 140 -30.09 17.33 -3.05
C ILE A 140 -31.12 16.31 -3.53
N LEU A 141 -32.36 16.45 -3.08
CA LEU A 141 -33.42 15.56 -3.53
C LEU A 141 -33.76 15.83 -4.99
N PHE A 142 -34.12 14.76 -5.70
CA PHE A 142 -34.51 14.85 -7.10
C PHE A 142 -35.73 13.94 -7.27
N LEU A 143 -36.91 14.53 -7.12
CA LEU A 143 -38.16 13.77 -7.22
C LEU A 143 -38.40 13.49 -8.71
N ASN A 144 -37.79 12.41 -9.18
CA ASN A 144 -37.80 12.07 -10.59
C ASN A 144 -39.15 11.51 -11.01
N LYS A 145 -39.29 11.34 -12.34
CA LYS A 145 -40.41 10.63 -12.95
C LYS A 145 -41.75 11.29 -12.62
N LYS A 146 -41.78 12.62 -12.61
CA LYS A 146 -42.99 13.34 -12.23
C LYS A 146 -44.05 13.31 -13.32
N ASP A 147 -43.67 13.11 -14.58
CA ASP A 147 -44.64 13.19 -15.67
C ASP A 147 -45.61 12.00 -15.64
N LEU A 148 -45.08 10.77 -15.61
CA LEU A 148 -45.98 9.63 -15.53
C LEU A 148 -46.58 9.48 -14.15
N PHE A 149 -45.95 10.04 -13.11
CA PHE A 149 -46.58 10.08 -11.79
C PHE A 149 -47.83 10.95 -11.81
N GLY A 150 -47.75 12.12 -12.44
CA GLY A 150 -48.93 12.95 -12.58
C GLY A 150 -49.94 12.36 -13.54
N GLU A 151 -49.47 11.59 -14.52
CA GLU A 151 -50.38 10.89 -15.41
C GLU A 151 -51.17 9.81 -14.67
N LYS A 152 -50.52 9.09 -13.75
CA LYS A 152 -51.14 8.01 -13.02
C LYS A 152 -51.71 8.44 -11.67
N ILE A 153 -51.64 9.73 -11.34
CA ILE A 153 -52.17 10.20 -10.07
C ILE A 153 -53.70 10.21 -10.06
N LYS A 154 -54.34 10.09 -11.23
CA LYS A 154 -55.79 10.03 -11.27
C LYS A 154 -56.29 8.69 -10.72
N LYS A 155 -55.68 7.59 -11.14
CA LYS A 155 -56.13 6.28 -10.70
C LYS A 155 -55.73 6.00 -9.25
N SER A 156 -54.50 6.35 -8.89
CA SER A 156 -54.00 6.07 -7.54
C SER A 156 -54.01 7.34 -6.70
N PRO A 157 -54.61 7.31 -5.51
CA PRO A 157 -54.77 8.54 -4.71
C PRO A 157 -53.67 8.81 -3.70
N LEU A 158 -52.58 8.04 -3.73
CA LEU A 158 -51.37 8.10 -2.90
C LEU A 158 -51.64 7.63 -1.47
N THR A 159 -52.89 7.42 -1.05
CA THR A 159 -53.15 6.93 0.28
C THR A 159 -53.01 5.42 0.38
N ILE A 160 -52.89 4.73 -0.75
CA ILE A 160 -52.65 3.30 -0.74
C ILE A 160 -51.27 2.98 -0.19
N CYS A 161 -50.31 3.89 -0.38
CA CYS A 161 -48.97 3.71 0.14
C CYS A 161 -48.62 4.62 1.29
N PHE A 162 -49.32 5.74 1.44
CA PHE A 162 -49.07 6.69 2.53
C PHE A 162 -50.40 7.12 3.14
N PRO A 163 -50.80 6.54 4.25
CA PRO A 163 -52.05 6.91 4.90
C PRO A 163 -51.87 8.14 5.79
N GLU A 164 -52.93 8.46 6.53
CA GLU A 164 -52.95 9.52 7.53
C GLU A 164 -52.66 10.89 6.91
N TYR A 165 -53.41 11.20 5.86
CA TYR A 165 -53.37 12.53 5.26
C TYR A 165 -54.69 12.80 4.56
N THR A 166 -54.97 14.07 4.36
CA THR A 166 -56.13 14.51 3.60
C THR A 166 -55.68 15.51 2.54
N GLY A 167 -56.34 15.47 1.38
CA GLY A 167 -56.00 16.33 0.28
C GLY A 167 -56.90 16.10 -0.91
N PRO A 168 -56.80 16.97 -1.91
CA PRO A 168 -57.68 16.86 -3.08
C PRO A 168 -57.21 15.87 -4.13
N ASN A 169 -56.23 15.02 -3.80
CA ASN A 169 -55.63 14.07 -4.73
C ASN A 169 -55.10 14.75 -5.98
N THR A 170 -54.50 15.93 -5.79
CA THR A 170 -53.88 16.69 -6.86
C THR A 170 -52.38 16.46 -6.88
N TYR A 171 -51.74 16.89 -7.98
CA TYR A 171 -50.32 16.66 -8.14
C TYR A 171 -49.50 17.52 -7.19
N GLU A 172 -49.87 18.79 -7.04
CA GLU A 172 -49.10 19.71 -6.21
C GLU A 172 -49.14 19.30 -4.74
N ASP A 173 -50.33 18.95 -4.24
CA ASP A 173 -50.46 18.57 -2.84
C ASP A 173 -49.78 17.23 -2.56
N ALA A 174 -49.86 16.29 -3.51
CA ALA A 174 -49.18 15.01 -3.35
C ALA A 174 -47.67 15.18 -3.32
N ALA A 175 -47.13 16.02 -4.21
CA ALA A 175 -45.70 16.30 -4.22
C ALA A 175 -45.28 16.97 -2.92
N ALA A 176 -46.09 17.92 -2.43
CA ALA A 176 -45.77 18.58 -1.16
C ALA A 176 -45.79 17.60 0.00
N TYR A 177 -46.75 16.66 0.00
CA TYR A 177 -46.81 15.69 1.09
C TYR A 177 -45.63 14.72 1.05
N ILE A 178 -45.23 14.28 -0.15
CA ILE A 178 -44.07 13.40 -0.27
C ILE A 178 -42.81 14.12 0.19
N GLN A 179 -42.65 15.38 -0.22
CA GLN A 179 -41.50 16.17 0.19
C GLN A 179 -41.49 16.39 1.70
N ALA A 180 -42.66 16.60 2.31
CA ALA A 180 -42.74 16.78 3.75
C ALA A 180 -42.39 15.50 4.49
N GLN A 181 -42.84 14.35 3.96
CA GLN A 181 -42.49 13.08 4.57
C GLN A 181 -41.00 12.81 4.48
N PHE A 182 -40.38 13.21 3.37
CA PHE A 182 -38.94 13.01 3.23
C PHE A 182 -38.16 13.91 4.18
N GLU A 183 -38.59 15.16 4.34
CA GLU A 183 -37.91 16.07 5.24
C GLU A 183 -38.25 15.82 6.70
N SER A 184 -39.27 15.00 6.99
CA SER A 184 -39.55 14.62 8.37
C SER A 184 -38.56 13.62 8.91
N LYS A 185 -37.82 12.93 8.04
CA LYS A 185 -36.75 12.02 8.45
C LYS A 185 -35.43 12.74 8.67
N ASN A 186 -35.43 14.07 8.61
CA ASN A 186 -34.24 14.87 8.79
C ASN A 186 -34.18 15.37 10.22
N ARG A 187 -33.13 14.99 10.96
CA ARG A 187 -32.89 15.44 12.32
C ARG A 187 -31.45 15.92 12.37
N SER A 188 -31.22 17.18 11.98
CA SER A 188 -29.89 17.76 11.94
C SER A 188 -29.98 19.27 11.87
N PRO A 189 -29.25 19.99 12.73
CA PRO A 189 -29.23 21.46 12.67
C PRO A 189 -28.14 22.05 11.79
N ASN A 190 -27.35 21.22 11.12
CA ASN A 190 -26.25 21.66 10.27
C ASN A 190 -26.37 21.04 8.88
N LYS A 191 -27.60 21.01 8.36
CA LYS A 191 -27.86 20.39 7.07
C LYS A 191 -29.16 20.97 6.50
N GLU A 192 -29.18 21.18 5.19
CA GLU A 192 -30.37 21.61 4.48
C GLU A 192 -30.61 20.69 3.30
N ILE A 193 -31.84 20.19 3.17
CA ILE A 193 -32.21 19.30 2.07
C ILE A 193 -32.76 20.16 0.94
N TYR A 194 -32.16 20.02 -0.24
CA TYR A 194 -32.56 20.78 -1.42
C TYR A 194 -33.47 19.91 -2.27
N CYS A 195 -34.69 20.36 -2.49
CA CYS A 195 -35.66 19.59 -3.26
C CYS A 195 -35.91 20.28 -4.58
N HIS A 196 -36.02 19.48 -5.64
CA HIS A 196 -36.27 20.03 -6.97
C HIS A 196 -36.95 18.97 -7.81
N MET A 197 -38.24 19.18 -8.09
CA MET A 197 -38.95 18.26 -8.97
C MET A 197 -38.43 18.42 -10.40
N THR A 198 -38.13 17.30 -11.04
CA THR A 198 -37.58 17.32 -12.39
C THR A 198 -38.22 16.22 -13.22
N CYS A 199 -38.27 16.45 -14.53
CA CYS A 199 -38.88 15.51 -15.47
C CYS A 199 -37.82 14.58 -16.04
N ALA A 200 -38.31 13.54 -16.74
CA ALA A 200 -37.41 12.70 -17.53
C ALA A 200 -36.97 13.39 -18.81
N THR A 201 -37.68 14.45 -19.22
CA THR A 201 -37.33 15.24 -20.39
C THR A 201 -36.68 16.56 -20.02
N ASP A 202 -36.25 16.71 -18.77
CA ASP A 202 -35.72 17.98 -18.28
C ASP A 202 -34.22 18.02 -18.54
N THR A 203 -33.82 18.81 -19.53
CA THR A 203 -32.41 19.04 -19.81
C THR A 203 -31.75 19.88 -18.72
N ASN A 204 -32.52 20.73 -18.05
CA ASN A 204 -31.99 21.60 -17.00
C ASN A 204 -31.86 20.78 -15.71
N ASN A 205 -30.75 20.04 -15.64
CA ASN A 205 -30.37 19.34 -14.42
C ASN A 205 -28.97 19.67 -13.95
N ALA A 206 -28.07 20.05 -14.86
CA ALA A 206 -26.74 20.44 -14.46
C ALA A 206 -26.75 21.77 -13.72
N GLN A 207 -27.63 22.69 -14.12
CA GLN A 207 -27.68 23.99 -13.45
C GLN A 207 -28.30 23.88 -12.07
N VAL A 208 -29.26 22.97 -11.89
CA VAL A 208 -29.84 22.73 -10.57
C VAL A 208 -28.77 22.23 -9.61
N ILE A 209 -27.99 21.24 -10.06
CA ILE A 209 -26.92 20.70 -9.23
C ILE A 209 -25.84 21.75 -8.99
N PHE A 210 -25.55 22.57 -9.99
CA PHE A 210 -24.52 23.60 -9.82
C PHE A 210 -24.94 24.64 -8.79
N ASP A 211 -26.18 25.12 -8.88
CA ASP A 211 -26.68 26.09 -7.92
C ASP A 211 -26.72 25.49 -6.51
N ALA A 212 -27.20 24.26 -6.39
CA ALA A 212 -27.26 23.61 -5.09
C ALA A 212 -25.87 23.40 -4.51
N VAL A 213 -24.91 23.00 -5.35
CA VAL A 213 -23.56 22.72 -4.87
C VAL A 213 -22.85 23.99 -4.44
N THR A 214 -22.98 25.07 -5.21
CA THR A 214 -22.34 26.31 -4.78
C THR A 214 -23.00 26.88 -3.54
N ASP A 215 -24.31 26.66 -3.38
CA ASP A 215 -24.97 27.08 -2.16
C ASP A 215 -24.49 26.27 -0.98
N ILE A 216 -24.25 24.97 -1.19
CA ILE A 216 -23.72 24.09 -0.16
C ILE A 216 -22.32 24.52 0.26
N ILE A 217 -21.48 24.87 -0.71
CA ILE A 217 -20.11 25.27 -0.39
C ILE A 217 -20.10 26.58 0.39
N ILE A 218 -20.95 27.54 -0.01
CA ILE A 218 -21.05 28.79 0.74
C ILE A 218 -21.55 28.52 2.15
N ALA A 219 -22.55 27.64 2.30
CA ALA A 219 -23.08 27.33 3.62
C ALA A 219 -22.04 26.65 4.50
N ASN A 220 -21.24 25.76 3.92
CA ASN A 220 -20.20 25.09 4.68
C ASN A 220 -19.11 26.07 5.12
N ASN A 221 -18.77 27.01 4.25
CA ASN A 221 -17.79 28.03 4.62
C ASN A 221 -18.33 28.91 5.75
N LEU A 222 -19.63 29.22 5.72
CA LEU A 222 -20.21 30.00 6.81
C LEU A 222 -20.25 29.20 8.10
N ARG A 223 -20.50 27.89 7.99
CA ARG A 223 -20.50 27.02 9.18
C ARG A 223 -19.12 26.97 9.81
N GLY A 224 -18.07 26.87 8.98
CA GLY A 224 -16.73 26.74 9.51
C GLY A 224 -16.20 27.98 10.17
N CYS A 225 -16.79 29.14 9.87
CA CYS A 225 -16.32 30.42 10.40
C CYS A 225 -17.07 30.85 11.65
N GLY A 226 -17.96 30.02 12.18
CA GLY A 226 -18.75 30.37 13.34
C GLY A 226 -20.08 31.00 13.04
N LEU A 227 -20.35 31.34 11.78
CA LEU A 227 -21.65 31.86 11.37
C LEU A 227 -22.60 30.69 11.15
N TYR A 228 -23.70 30.92 10.44
CA TYR A 228 -24.72 29.89 10.18
C TYR A 228 -24.16 28.56 9.70
N GLU B 21 -37.55 -32.49 6.89
CA GLU B 21 -36.36 -33.31 7.05
C GLU B 21 -35.21 -32.50 7.63
N LEU B 22 -35.28 -31.17 7.46
CA LEU B 22 -34.23 -30.30 7.97
C LEU B 22 -34.25 -30.20 9.49
N ASP B 23 -35.37 -30.55 10.13
CA ASP B 23 -35.44 -30.49 11.58
C ASP B 23 -34.50 -31.48 12.24
N GLN B 24 -34.41 -32.69 11.68
CA GLN B 24 -33.51 -33.71 12.25
C GLN B 24 -32.04 -33.28 12.10
N LEU B 25 -31.69 -32.71 10.94
CA LEU B 25 -30.33 -32.22 10.74
C LEU B 25 -30.01 -31.07 11.69
N ARG B 26 -30.98 -30.16 11.88
CA ARG B 26 -30.79 -29.05 12.80
C ARG B 26 -30.63 -29.54 14.24
N GLN B 27 -31.40 -30.56 14.62
CA GLN B 27 -31.27 -31.12 15.96
C GLN B 27 -29.92 -31.81 16.15
N GLU B 28 -29.44 -32.51 15.11
CA GLU B 28 -28.11 -33.11 15.17
C GLU B 28 -27.03 -32.05 15.31
N ALA B 29 -27.17 -30.95 14.56
CA ALA B 29 -26.21 -29.84 14.67
C ALA B 29 -26.25 -29.21 16.05
N GLU B 30 -27.45 -29.06 16.62
CA GLU B 30 -27.58 -28.50 17.96
C GLU B 30 -26.95 -29.40 19.00
N GLN B 31 -27.12 -30.71 18.86
CA GLN B 31 -26.47 -31.65 19.76
C GLN B 31 -24.95 -31.60 19.63
N LEU B 32 -24.45 -31.50 18.40
CA LEU B 32 -23.02 -31.40 18.18
C LEU B 32 -22.44 -30.12 18.77
N LYS B 33 -23.13 -29.00 18.60
CA LYS B 33 -22.62 -27.75 19.14
C LYS B 33 -22.74 -27.71 20.66
N ASN B 34 -23.75 -28.38 21.23
CA ASN B 34 -23.81 -28.51 22.68
C ASN B 34 -22.66 -29.37 23.21
N GLN B 35 -22.33 -30.44 22.49
CA GLN B 35 -21.17 -31.25 22.86
C GLN B 35 -19.89 -30.44 22.77
N ILE B 36 -19.77 -29.61 21.73
CA ILE B 36 -18.57 -28.78 21.57
C ILE B 36 -18.46 -27.75 22.69
N ARG B 37 -19.58 -27.11 23.04
CA ARG B 37 -19.56 -26.16 24.15
C ARG B 37 -19.23 -26.84 25.47
N ASP B 38 -19.77 -28.04 25.70
CA ASP B 38 -19.44 -28.78 26.91
C ASP B 38 -17.97 -29.18 26.93
N ALA B 39 -17.43 -29.56 25.78
CA ALA B 39 -16.02 -29.92 25.71
C ALA B 39 -15.12 -28.72 26.00
N ARG B 40 -15.50 -27.55 25.47
CA ARG B 40 -14.75 -26.34 25.77
C ARG B 40 -14.83 -25.98 27.24
N LYS B 41 -16.02 -26.14 27.84
CA LYS B 41 -16.18 -25.85 29.27
C LYS B 41 -15.36 -26.81 30.13
N ALA B 42 -15.41 -28.10 29.81
CA ALA B 42 -14.72 -29.09 30.62
C ALA B 42 -13.22 -29.01 30.43
N CYS B 43 -12.77 -28.55 29.25
CA CYS B 43 -11.35 -28.34 29.03
C CYS B 43 -10.87 -27.04 29.66
N ALA B 44 -11.78 -26.20 30.15
CA ALA B 44 -11.41 -24.91 30.73
C ALA B 44 -11.22 -25.02 32.24
N ASP B 45 -10.37 -25.96 32.63
CA ASP B 45 -9.96 -26.07 34.02
C ASP B 45 -8.57 -25.47 34.20
N ALA B 46 -8.36 -24.85 35.37
CA ALA B 46 -7.23 -23.96 35.63
C ALA B 46 -7.11 -22.91 34.53
N THR B 47 -8.15 -22.07 34.46
CA THR B 47 -8.40 -21.22 33.31
C THR B 47 -7.46 -20.02 33.32
N LEU B 48 -7.76 -19.01 32.49
CA LEU B 48 -6.88 -17.87 32.26
C LEU B 48 -6.49 -17.13 33.54
N SER B 49 -7.34 -17.16 34.56
CA SER B 49 -6.99 -16.56 35.82
C SER B 49 -6.00 -17.45 36.58
N GLN B 50 -5.10 -16.81 37.32
CA GLN B 50 -4.12 -17.42 38.23
C GLN B 50 -3.24 -18.48 37.55
N ILE B 51 -3.14 -18.45 36.22
CA ILE B 51 -2.14 -19.22 35.49
C ILE B 51 -1.09 -18.28 34.87
N THR B 52 -1.51 -17.11 34.42
CA THR B 52 -0.62 -16.04 34.03
C THR B 52 -0.56 -14.94 35.06
N ASN B 53 -1.43 -14.99 36.07
CA ASN B 53 -1.46 -14.00 37.15
C ASN B 53 -0.53 -14.42 38.28
N ASN B 54 0.72 -14.74 37.91
CA ASN B 54 1.74 -15.11 38.88
C ASN B 54 3.09 -14.49 38.56
N ILE B 55 3.19 -13.66 37.53
CA ILE B 55 4.46 -13.12 37.07
C ILE B 55 4.47 -11.62 37.27
N ASP B 56 5.62 -11.02 36.99
CA ASP B 56 5.81 -9.59 37.16
C ASP B 56 5.00 -8.82 36.11
N PRO B 57 4.63 -7.58 36.40
CA PRO B 57 3.98 -6.74 35.39
C PRO B 57 4.97 -6.33 34.30
N VAL B 58 4.40 -5.96 33.16
CA VAL B 58 5.21 -5.46 32.05
C VAL B 58 5.89 -4.15 32.42
N GLY B 59 5.15 -3.24 33.06
CA GLY B 59 5.70 -2.00 33.57
C GLY B 59 5.05 -0.80 32.92
N ARG B 60 5.86 0.23 32.69
CA ARG B 60 5.42 1.45 32.03
C ARG B 60 6.15 1.60 30.70
N ILE B 61 5.38 1.73 29.62
CA ILE B 61 5.92 1.86 28.27
C ILE B 61 5.54 3.22 27.73
N GLN B 62 6.55 4.01 27.36
CA GLN B 62 6.34 5.32 26.76
C GLN B 62 7.16 5.40 25.47
N MET B 63 6.49 5.72 24.38
CA MET B 63 7.13 5.85 23.07
C MET B 63 7.03 7.28 22.59
N ARG B 64 8.14 7.85 22.18
CA ARG B 64 8.20 9.23 21.71
C ARG B 64 8.12 9.27 20.20
N THR B 65 7.65 10.40 19.68
CA THR B 65 7.51 10.59 18.24
C THR B 65 8.90 10.68 17.61
N ARG B 66 9.33 9.59 16.97
CA ARG B 66 10.59 9.61 16.25
C ARG B 66 10.39 10.05 14.80
N ARG B 67 9.32 9.61 14.17
CA ARG B 67 9.03 9.93 12.78
C ARG B 67 7.58 10.36 12.63
N THR B 68 7.35 11.28 11.70
CA THR B 68 6.01 11.71 11.31
C THR B 68 6.00 11.77 9.79
N LEU B 69 5.61 10.66 9.17
CA LEU B 69 5.63 10.56 7.72
C LEU B 69 4.48 11.36 7.13
N ARG B 70 4.79 12.24 6.19
CA ARG B 70 3.81 13.12 5.58
C ARG B 70 3.93 13.03 4.07
N GLY B 71 2.82 13.33 3.38
CA GLY B 71 2.84 13.31 1.94
C GLY B 71 1.54 12.85 1.29
N HIS B 72 0.61 12.36 2.08
CA HIS B 72 -0.72 12.05 1.57
C HIS B 72 -1.64 13.25 1.72
N LEU B 73 -2.61 13.36 0.82
CA LEU B 73 -3.59 14.44 0.82
C LEU B 73 -5.01 13.89 0.95
N ALA B 74 -5.14 12.77 1.67
CA ALA B 74 -6.42 12.11 1.91
C ALA B 74 -6.25 11.25 3.16
N LYS B 75 -7.19 10.34 3.37
CA LYS B 75 -7.16 9.47 4.54
C LYS B 75 -6.40 8.19 4.23
N ILE B 76 -5.43 7.86 5.07
CA ILE B 76 -4.66 6.63 4.93
C ILE B 76 -5.48 5.48 5.48
N TYR B 77 -5.70 4.45 4.66
CA TYR B 77 -6.57 3.36 5.02
C TYR B 77 -5.83 2.06 5.32
N ALA B 78 -4.56 1.97 4.99
CA ALA B 78 -3.81 0.73 5.20
C ALA B 78 -2.32 1.06 5.29
N MET B 79 -1.57 0.08 5.78
CA MET B 79 -0.13 0.18 5.95
C MET B 79 0.46 -1.20 6.18
N HIS B 80 1.53 -1.52 5.47
CA HIS B 80 2.23 -2.77 5.68
C HIS B 80 3.73 -2.52 5.70
N TRP B 81 4.42 -3.24 6.59
CA TRP B 81 5.85 -3.11 6.76
C TRP B 81 6.58 -4.08 5.85
N GLY B 82 7.80 -3.74 5.48
CA GLY B 82 8.65 -4.66 4.76
C GLY B 82 9.33 -5.65 5.69
N THR B 83 9.82 -6.73 5.10
CA THR B 83 10.53 -7.74 5.89
C THR B 83 11.97 -7.36 6.18
N ASP B 84 12.45 -6.25 5.62
CA ASP B 84 13.76 -5.72 5.98
C ASP B 84 13.67 -4.71 7.11
N SER B 85 12.46 -4.42 7.60
CA SER B 85 12.20 -3.38 8.60
C SER B 85 12.76 -2.03 8.17
N ARG B 86 12.69 -1.74 6.88
CA ARG B 86 13.27 -0.53 6.33
C ARG B 86 12.25 0.23 5.47
N LEU B 87 11.35 -0.51 4.83
CA LEU B 87 10.44 0.07 3.86
C LEU B 87 8.99 -0.19 4.25
N LEU B 88 8.16 0.84 4.08
CA LEU B 88 6.74 0.78 4.36
C LEU B 88 5.95 0.98 3.06
N VAL B 89 4.71 0.53 3.08
CA VAL B 89 3.75 0.79 2.00
C VAL B 89 2.48 1.35 2.62
N SER B 90 2.11 2.55 2.20
CA SER B 90 0.89 3.20 2.67
C SER B 90 0.03 3.55 1.48
N ALA B 91 -1.17 3.02 1.44
CA ALA B 91 -2.11 3.26 0.35
C ALA B 91 -3.33 4.00 0.89
N SER B 92 -3.67 5.12 0.25
CA SER B 92 -4.68 6.02 0.77
C SER B 92 -5.78 6.25 -0.28
N GLN B 93 -6.74 7.10 0.10
CA GLN B 93 -7.90 7.40 -0.73
C GLN B 93 -7.60 8.40 -1.84
N ASP B 94 -6.39 8.95 -1.89
CA ASP B 94 -6.01 9.91 -2.91
C ASP B 94 -5.54 9.26 -4.21
N GLY B 95 -5.64 7.94 -4.31
CA GLY B 95 -5.18 7.24 -5.49
C GLY B 95 -3.69 7.06 -5.57
N LYS B 96 -2.97 7.22 -4.46
CA LYS B 96 -1.53 7.15 -4.45
C LYS B 96 -1.06 6.09 -3.45
N LEU B 97 -0.04 5.35 -3.85
CA LEU B 97 0.58 4.31 -3.03
C LEU B 97 2.05 4.68 -2.88
N ILE B 98 2.37 5.33 -1.78
CA ILE B 98 3.73 5.80 -1.53
C ILE B 98 4.49 4.75 -0.74
N ILE B 99 5.69 4.43 -1.20
CA ILE B 99 6.58 3.50 -0.52
C ILE B 99 7.64 4.31 0.22
N TRP B 100 7.71 4.12 1.53
CA TRP B 100 8.45 5.00 2.42
C TRP B 100 9.73 4.34 2.89
N ASP B 101 10.83 5.07 2.82
CA ASP B 101 12.08 4.68 3.48
C ASP B 101 12.06 5.30 4.87
N SER B 102 11.80 4.47 5.88
CA SER B 102 11.47 5.00 7.19
C SER B 102 12.69 5.54 7.92
N TYR B 103 13.88 5.01 7.61
CA TYR B 103 15.07 5.38 8.36
C TYR B 103 15.48 6.82 8.12
N THR B 104 15.16 7.37 6.95
CA THR B 104 15.50 8.75 6.61
C THR B 104 14.27 9.60 6.32
N THR B 105 13.08 9.08 6.61
CA THR B 105 11.79 9.73 6.30
C THR B 105 11.74 10.10 4.82
N ASN B 106 11.78 9.08 3.98
CA ASN B 106 12.10 9.26 2.57
C ASN B 106 11.08 8.53 1.71
N LYS B 107 10.88 9.05 0.49
CA LYS B 107 9.97 8.44 -0.47
C LYS B 107 10.78 7.74 -1.55
N VAL B 108 10.42 6.51 -1.86
CA VAL B 108 11.10 5.71 -2.86
C VAL B 108 10.29 5.64 -4.15
N HIS B 109 9.01 5.33 -4.05
CA HIS B 109 8.14 5.24 -5.22
C HIS B 109 6.81 5.90 -4.90
N ALA B 110 6.14 6.37 -5.96
CA ALA B 110 4.78 6.86 -5.86
C ALA B 110 4.00 6.29 -7.03
N ILE B 111 3.11 5.35 -6.75
CA ILE B 111 2.38 4.61 -7.78
C ILE B 111 0.98 5.22 -7.88
N PRO B 112 0.63 5.85 -9.00
CA PRO B 112 -0.75 6.30 -9.18
C PRO B 112 -1.68 5.12 -9.37
N LEU B 113 -2.75 5.09 -8.59
CA LEU B 113 -3.72 4.01 -8.60
C LEU B 113 -4.86 4.34 -9.55
N ARG B 114 -5.38 3.32 -10.22
CA ARG B 114 -6.50 3.55 -11.14
C ARG B 114 -7.78 3.87 -10.38
N SER B 115 -8.06 3.15 -9.30
CA SER B 115 -9.21 3.39 -8.46
C SER B 115 -8.72 3.93 -7.11
N SER B 116 -9.19 5.11 -6.74
CA SER B 116 -8.67 5.77 -5.54
C SER B 116 -9.19 5.14 -4.25
N TRP B 117 -10.31 4.42 -4.31
CA TRP B 117 -10.89 3.84 -3.11
C TRP B 117 -10.13 2.57 -2.74
N VAL B 118 -9.36 2.64 -1.67
CA VAL B 118 -8.43 1.58 -1.30
C VAL B 118 -8.61 1.25 0.17
N MET B 119 -8.71 -0.04 0.49
CA MET B 119 -8.86 -0.46 1.87
C MET B 119 -7.77 -1.42 2.34
N THR B 120 -6.76 -1.73 1.51
CA THR B 120 -5.74 -2.67 1.91
C THR B 120 -4.46 -2.39 1.11
N CYS B 121 -3.35 -2.90 1.63
CA CYS B 121 -2.07 -2.88 0.94
C CYS B 121 -1.17 -3.95 1.54
N ALA B 122 -0.28 -4.51 0.72
CA ALA B 122 0.60 -5.59 1.13
C ALA B 122 2.00 -5.36 0.60
N TYR B 123 2.96 -6.08 1.18
CA TYR B 123 4.36 -6.00 0.79
C TYR B 123 4.90 -7.43 0.73
N ALA B 124 5.41 -7.84 -0.42
CA ALA B 124 5.90 -9.21 -0.57
C ALA B 124 7.14 -9.39 0.29
N PRO B 125 7.33 -10.59 0.88
CA PRO B 125 8.48 -10.78 1.77
C PRO B 125 9.83 -10.65 1.08
N SER B 126 9.88 -10.92 -0.23
CA SER B 126 11.11 -10.77 -0.97
C SER B 126 11.46 -9.31 -1.23
N GLY B 127 10.52 -8.39 -1.01
CA GLY B 127 10.74 -6.99 -1.30
C GLY B 127 10.52 -6.59 -2.74
N ASN B 128 9.93 -7.47 -3.55
CA ASN B 128 9.82 -7.24 -4.99
C ASN B 128 8.45 -6.75 -5.43
N TYR B 129 7.39 -7.13 -4.72
CA TYR B 129 6.04 -6.81 -5.14
C TYR B 129 5.29 -6.13 -4.00
N VAL B 130 4.33 -5.28 -4.37
CA VAL B 130 3.38 -4.71 -3.43
C VAL B 130 1.98 -4.95 -4.00
N ALA B 131 1.01 -5.10 -3.13
CA ALA B 131 -0.37 -5.35 -3.52
C ALA B 131 -1.27 -4.22 -3.05
N CYS B 132 -2.42 -4.12 -3.68
CA CYS B 132 -3.39 -3.07 -3.35
C CYS B 132 -4.77 -3.53 -3.77
N GLY B 133 -5.78 -3.00 -3.10
CA GLY B 133 -7.15 -3.37 -3.42
C GLY B 133 -8.11 -2.44 -2.70
N GLY B 134 -9.37 -2.53 -3.10
CA GLY B 134 -10.38 -1.67 -2.52
C GLY B 134 -11.78 -1.92 -3.04
N LEU B 135 -12.54 -0.85 -3.27
CA LEU B 135 -13.93 -0.98 -3.67
C LEU B 135 -14.08 -1.34 -5.14
N ASP B 136 -13.00 -1.44 -5.90
CA ASP B 136 -13.06 -1.88 -7.28
C ASP B 136 -13.08 -3.39 -7.41
N ASN B 137 -13.02 -4.12 -6.29
CA ASN B 137 -13.05 -5.58 -6.24
C ASN B 137 -11.89 -6.20 -7.01
N ILE B 138 -10.75 -5.51 -7.05
CA ILE B 138 -9.59 -5.94 -7.81
C ILE B 138 -8.36 -5.84 -6.91
N CYS B 139 -7.63 -6.95 -6.77
CA CYS B 139 -6.32 -6.94 -6.13
C CYS B 139 -5.27 -6.72 -7.22
N SER B 140 -4.79 -5.49 -7.33
CA SER B 140 -3.82 -5.13 -8.35
C SER B 140 -2.42 -5.23 -7.76
N ILE B 141 -1.57 -6.05 -8.38
CA ILE B 141 -0.21 -6.26 -7.92
C ILE B 141 0.72 -5.36 -8.72
N TYR B 142 1.84 -4.98 -8.11
CA TYR B 142 2.80 -4.08 -8.71
C TYR B 142 4.20 -4.65 -8.57
N ASN B 143 5.06 -4.35 -9.55
CA ASN B 143 6.43 -4.86 -9.59
C ASN B 143 7.38 -3.70 -9.35
N LEU B 144 8.15 -3.78 -8.28
CA LEU B 144 9.06 -2.69 -7.94
C LEU B 144 10.39 -2.82 -8.68
N LYS B 145 10.95 -4.03 -8.75
CA LYS B 145 12.22 -4.26 -9.41
C LYS B 145 11.95 -4.58 -10.87
N THR B 146 11.99 -3.55 -11.70
CA THR B 146 11.83 -3.70 -13.14
C THR B 146 12.98 -3.01 -13.85
N ARG B 147 13.32 -3.51 -15.04
CA ARG B 147 14.37 -2.89 -15.84
C ARG B 147 13.79 -1.84 -16.78
N GLU B 148 12.96 -0.96 -16.22
CA GLU B 148 12.45 0.21 -16.92
C GLU B 148 12.47 1.47 -16.08
N GLY B 149 12.65 1.37 -14.77
CA GLY B 149 12.81 2.50 -13.91
C GLY B 149 11.58 2.90 -13.12
N ASN B 150 10.40 2.44 -13.53
CA ASN B 150 9.17 2.82 -12.88
C ASN B 150 8.36 1.59 -12.52
N VAL B 151 7.49 1.74 -11.52
CA VAL B 151 6.62 0.66 -11.08
C VAL B 151 5.47 0.51 -12.05
N ARG B 152 5.24 -0.71 -12.52
CA ARG B 152 4.17 -0.99 -13.46
C ARG B 152 3.25 -2.05 -12.88
N VAL B 153 2.03 -2.10 -13.41
CA VAL B 153 1.10 -3.17 -13.04
C VAL B 153 1.63 -4.48 -13.59
N SER B 154 1.68 -5.50 -12.75
CA SER B 154 2.10 -6.82 -13.19
C SER B 154 0.93 -7.73 -13.53
N ARG B 155 -0.14 -7.66 -12.75
CA ARG B 155 -1.35 -8.44 -12.98
C ARG B 155 -2.49 -7.82 -12.19
N GLU B 156 -3.67 -7.80 -12.80
CA GLU B 156 -4.88 -7.35 -12.13
C GLU B 156 -5.76 -8.56 -11.88
N LEU B 157 -6.01 -8.85 -10.60
CA LEU B 157 -6.79 -10.02 -10.20
C LEU B 157 -8.23 -9.60 -9.94
N ALA B 158 -9.16 -10.21 -10.67
CA ALA B 158 -10.57 -9.89 -10.55
C ALA B 158 -11.37 -11.19 -10.51
N GLY B 159 -12.57 -11.11 -9.94
CA GLY B 159 -13.41 -12.28 -9.80
C GLY B 159 -14.27 -12.31 -8.55
N HIS B 160 -13.90 -11.52 -7.54
CA HIS B 160 -14.78 -11.38 -6.38
C HIS B 160 -15.99 -10.54 -6.72
N THR B 161 -17.06 -10.72 -5.93
CA THR B 161 -18.26 -9.91 -6.03
C THR B 161 -18.39 -8.90 -4.90
N GLY B 162 -17.30 -8.68 -4.15
CA GLY B 162 -17.33 -7.74 -3.05
C GLY B 162 -15.98 -7.07 -2.88
N TYR B 163 -15.98 -6.03 -2.05
CA TYR B 163 -14.76 -5.27 -1.80
C TYR B 163 -13.75 -6.10 -1.02
N LEU B 164 -12.47 -5.84 -1.28
CA LEU B 164 -11.38 -6.52 -0.61
C LEU B 164 -10.99 -5.77 0.64
N SER B 165 -10.76 -6.52 1.72
CA SER B 165 -10.46 -5.94 3.03
C SER B 165 -9.01 -6.08 3.44
N CYS B 166 -8.39 -7.23 3.21
CA CYS B 166 -6.98 -7.40 3.57
C CYS B 166 -6.35 -8.45 2.67
N CYS B 167 -5.15 -8.15 2.20
CA CYS B 167 -4.36 -9.05 1.36
C CYS B 167 -3.00 -9.26 2.00
N ARG B 168 -2.53 -10.51 2.00
CA ARG B 168 -1.26 -10.86 2.62
C ARG B 168 -0.49 -11.79 1.69
N PHE B 169 0.80 -11.51 1.54
CA PHE B 169 1.67 -12.23 0.61
C PHE B 169 2.25 -13.47 1.28
N LEU B 170 2.22 -14.58 0.55
CA LEU B 170 2.92 -15.79 0.98
C LEU B 170 4.32 -15.86 0.36
N ASP B 171 4.40 -15.67 -0.94
CA ASP B 171 5.66 -15.54 -1.66
C ASP B 171 5.41 -14.62 -2.85
N ASP B 172 6.31 -14.63 -3.82
CA ASP B 172 6.18 -13.75 -4.97
C ASP B 172 5.08 -14.17 -5.94
N ASN B 173 4.50 -15.35 -5.76
CA ASN B 173 3.50 -15.85 -6.70
C ASN B 173 2.13 -16.10 -6.10
N GLN B 174 2.01 -16.25 -4.78
CA GLN B 174 0.75 -16.58 -4.14
C GLN B 174 0.30 -15.44 -3.24
N ILE B 175 -0.94 -14.99 -3.43
CA ILE B 175 -1.55 -13.95 -2.62
C ILE B 175 -2.85 -14.52 -2.07
N VAL B 176 -3.18 -14.16 -0.82
CA VAL B 176 -4.45 -14.55 -0.22
C VAL B 176 -5.17 -13.27 0.22
N THR B 177 -6.42 -13.12 -0.20
CA THR B 177 -7.17 -11.90 0.00
C THR B 177 -8.48 -12.20 0.72
N SER B 178 -8.81 -11.36 1.69
CA SER B 178 -10.07 -11.43 2.41
C SER B 178 -11.01 -10.36 1.87
N SER B 179 -12.18 -10.78 1.43
CA SER B 179 -13.13 -9.87 0.80
C SER B 179 -14.48 -9.94 1.49
N GLY B 180 -15.30 -8.92 1.23
CA GLY B 180 -16.57 -8.70 1.86
C GLY B 180 -17.76 -9.41 1.24
N ASP B 181 -17.54 -10.26 0.25
CA ASP B 181 -18.61 -11.06 -0.34
C ASP B 181 -18.67 -12.47 0.23
N THR B 182 -18.42 -12.59 1.55
CA THR B 182 -18.51 -13.85 2.30
C THR B 182 -17.55 -14.90 1.76
N THR B 183 -16.36 -14.49 1.33
CA THR B 183 -15.40 -15.47 0.83
C THR B 183 -13.98 -14.93 0.97
N CYS B 184 -13.03 -15.86 1.01
CA CYS B 184 -11.62 -15.58 0.88
C CYS B 184 -11.06 -16.44 -0.24
N ALA B 185 -10.06 -15.94 -0.94
CA ALA B 185 -9.50 -16.66 -2.07
C ALA B 185 -7.99 -16.54 -2.07
N LEU B 186 -7.32 -17.63 -2.46
CA LEU B 186 -5.88 -17.63 -2.71
C LEU B 186 -5.67 -17.67 -4.22
N TRP B 187 -4.91 -16.71 -4.73
CA TRP B 187 -4.68 -16.57 -6.15
C TRP B 187 -3.27 -17.03 -6.51
N ASP B 188 -3.01 -17.06 -7.81
CA ASP B 188 -1.66 -17.13 -8.35
C ASP B 188 -1.48 -15.97 -9.31
N ILE B 189 -0.38 -15.24 -9.14
CA ILE B 189 -0.18 -13.99 -9.88
C ILE B 189 0.04 -14.26 -11.36
N GLU B 190 0.65 -15.40 -11.70
CA GLU B 190 1.05 -15.66 -13.08
C GLU B 190 -0.16 -15.77 -14.01
N THR B 191 -1.19 -16.49 -13.59
CA THR B 191 -2.34 -16.71 -14.46
C THR B 191 -3.59 -15.95 -14.02
N GLY B 192 -3.60 -15.40 -12.81
CA GLY B 192 -4.74 -14.64 -12.33
C GLY B 192 -6.00 -15.45 -12.12
N GLN B 193 -5.88 -16.58 -11.43
CA GLN B 193 -7.01 -17.45 -11.17
C GLN B 193 -7.09 -17.75 -9.67
N GLN B 194 -8.30 -18.10 -9.24
CA GLN B 194 -8.54 -18.42 -7.83
C GLN B 194 -8.29 -19.91 -7.63
N THR B 195 -7.14 -20.24 -7.04
CA THR B 195 -6.81 -21.65 -6.83
C THR B 195 -7.66 -22.27 -5.74
N THR B 196 -7.82 -21.57 -4.61
CA THR B 196 -8.58 -22.07 -3.47
C THR B 196 -9.58 -21.01 -3.05
N THR B 197 -10.84 -21.41 -2.87
CA THR B 197 -11.88 -20.55 -2.36
C THR B 197 -12.31 -21.04 -0.99
N PHE B 198 -12.38 -20.13 -0.03
CA PHE B 198 -12.58 -20.47 1.37
C PHE B 198 -13.99 -20.05 1.77
N THR B 199 -14.94 -20.95 1.52
CA THR B 199 -16.35 -20.65 1.72
C THR B 199 -16.74 -20.79 3.19
N GLY B 200 -17.54 -19.85 3.66
CA GLY B 200 -17.99 -19.74 5.03
C GLY B 200 -18.20 -18.28 5.34
N HIS B 201 -18.23 -17.96 6.64
CA HIS B 201 -18.19 -16.58 7.12
C HIS B 201 -19.35 -15.76 6.55
N THR B 202 -20.55 -16.06 7.06
CA THR B 202 -21.79 -15.50 6.50
C THR B 202 -21.80 -13.97 6.48
N GLY B 203 -21.03 -13.32 7.35
CA GLY B 203 -20.86 -11.89 7.31
C GLY B 203 -19.82 -11.47 6.29
N ASP B 204 -19.28 -10.27 6.47
CA ASP B 204 -18.27 -9.74 5.58
C ASP B 204 -16.90 -9.93 6.23
N VAL B 205 -16.00 -10.63 5.52
CA VAL B 205 -14.69 -10.93 6.06
C VAL B 205 -13.88 -9.63 6.09
N MET B 206 -13.38 -9.26 7.26
CA MET B 206 -12.87 -7.93 7.50
C MET B 206 -11.39 -7.85 7.79
N SER B 207 -10.73 -8.96 8.12
CA SER B 207 -9.31 -8.95 8.38
C SER B 207 -8.75 -10.35 8.13
N LEU B 208 -7.43 -10.46 8.22
CA LEU B 208 -6.72 -11.69 7.86
C LEU B 208 -5.31 -11.59 8.44
N SER B 209 -4.80 -12.72 8.93
CA SER B 209 -3.46 -12.75 9.48
C SER B 209 -2.81 -14.09 9.17
N LEU B 210 -1.52 -14.05 8.84
CA LEU B 210 -0.77 -15.24 8.46
C LEU B 210 0.15 -15.67 9.60
N ALA B 211 0.10 -16.96 9.92
CA ALA B 211 0.97 -17.54 10.92
C ALA B 211 2.39 -17.63 10.38
N PRO B 212 3.40 -17.66 11.26
CA PRO B 212 4.79 -17.70 10.76
C PRO B 212 5.23 -19.07 10.25
N ASP B 213 4.39 -19.73 9.45
CA ASP B 213 4.81 -20.91 8.72
C ASP B 213 4.21 -21.00 7.33
N THR B 214 3.43 -20.00 6.91
CA THR B 214 2.75 -19.97 5.60
C THR B 214 1.89 -21.21 5.35
N ARG B 215 1.30 -21.75 6.41
CA ARG B 215 0.49 -22.96 6.34
C ARG B 215 -0.95 -22.74 6.78
N LEU B 216 -1.18 -21.94 7.81
CA LEU B 216 -2.50 -21.72 8.36
C LEU B 216 -2.70 -20.23 8.62
N PHE B 217 -3.90 -19.74 8.36
CA PHE B 217 -4.23 -18.33 8.57
C PHE B 217 -5.60 -18.19 9.20
N VAL B 218 -5.79 -17.08 9.90
CA VAL B 218 -7.05 -16.73 10.54
C VAL B 218 -7.76 -15.67 9.73
N SER B 219 -9.08 -15.56 9.96
CA SER B 219 -9.90 -14.61 9.23
C SER B 219 -11.16 -14.33 10.05
N GLY B 220 -11.31 -13.09 10.51
CA GLY B 220 -12.55 -12.68 11.15
C GLY B 220 -13.52 -12.07 10.16
N ALA B 221 -14.80 -12.09 10.51
CA ALA B 221 -15.85 -11.52 9.68
C ALA B 221 -16.89 -10.80 10.54
N CYS B 222 -17.79 -10.09 9.85
CA CYS B 222 -18.81 -9.29 10.49
C CYS B 222 -19.86 -10.12 11.23
N ASP B 223 -19.97 -11.41 10.94
CA ASP B 223 -20.93 -12.27 11.62
C ASP B 223 -20.37 -12.85 12.92
N ALA B 224 -19.36 -12.20 13.51
CA ALA B 224 -18.80 -12.52 14.82
C ALA B 224 -18.26 -13.94 14.86
N SER B 225 -17.27 -14.21 14.02
CA SER B 225 -16.62 -15.50 13.98
C SER B 225 -15.17 -15.32 13.52
N ALA B 226 -14.26 -16.03 14.17
CA ALA B 226 -12.84 -15.99 13.83
C ALA B 226 -12.41 -17.39 13.45
N LYS B 227 -12.62 -17.74 12.19
CA LYS B 227 -12.27 -19.06 11.71
C LYS B 227 -10.76 -19.19 11.53
N LEU B 228 -10.29 -20.44 11.60
CA LEU B 228 -8.91 -20.79 11.28
C LEU B 228 -8.92 -21.78 10.12
N TRP B 229 -8.16 -21.47 9.08
CA TRP B 229 -8.12 -22.28 7.87
C TRP B 229 -6.72 -22.87 7.68
N ASP B 230 -6.57 -23.64 6.62
CA ASP B 230 -5.27 -24.18 6.21
C ASP B 230 -5.04 -23.84 4.75
N VAL B 231 -3.82 -23.41 4.43
CA VAL B 231 -3.50 -23.04 3.05
C VAL B 231 -3.46 -24.27 2.16
N ARG B 232 -2.83 -25.36 2.63
CA ARG B 232 -2.71 -26.57 1.83
C ARG B 232 -4.03 -27.30 1.67
N GLU B 233 -5.05 -26.92 2.44
CA GLU B 233 -6.40 -27.46 2.33
C GLU B 233 -7.34 -26.34 1.92
N GLY B 234 -8.64 -26.62 1.95
CA GLY B 234 -9.62 -25.63 1.58
C GLY B 234 -10.80 -25.56 2.53
N MET B 235 -10.56 -25.83 3.81
CA MET B 235 -11.66 -25.87 4.78
C MET B 235 -11.15 -25.39 6.15
N CYS B 236 -12.10 -25.00 6.99
CA CYS B 236 -11.80 -24.55 8.33
C CYS B 236 -11.42 -25.72 9.24
N ARG B 237 -10.79 -25.38 10.37
CA ARG B 237 -10.50 -26.38 11.37
C ARG B 237 -10.84 -25.95 12.79
N GLN B 238 -10.90 -24.66 13.09
CA GLN B 238 -11.32 -24.17 14.40
C GLN B 238 -12.08 -22.87 14.20
N THR B 239 -13.34 -22.83 14.66
CA THR B 239 -14.19 -21.64 14.51
C THR B 239 -14.38 -21.03 15.90
N PHE B 240 -13.51 -20.09 16.26
CA PHE B 240 -13.64 -19.36 17.51
C PHE B 240 -14.88 -18.47 17.48
N THR B 241 -15.53 -18.36 18.63
CA THR B 241 -16.77 -17.60 18.73
C THR B 241 -16.75 -16.89 20.08
N GLY B 242 -17.51 -15.80 20.17
CA GLY B 242 -17.61 -15.11 21.44
C GLY B 242 -17.77 -13.61 21.37
N HIS B 243 -17.54 -13.00 20.22
CA HIS B 243 -17.74 -11.57 20.10
C HIS B 243 -19.21 -11.27 19.82
N GLU B 244 -19.67 -10.15 20.35
CA GLU B 244 -21.07 -9.74 20.19
C GLU B 244 -21.23 -8.62 19.16
N SER B 245 -20.20 -8.31 18.40
CA SER B 245 -20.29 -7.24 17.41
C SER B 245 -19.39 -7.59 16.23
N ASP B 246 -19.14 -6.59 15.40
CA ASP B 246 -18.31 -6.73 14.22
C ASP B 246 -16.85 -6.88 14.62
N ILE B 247 -16.05 -7.44 13.71
CA ILE B 247 -14.62 -7.60 13.90
C ILE B 247 -13.92 -6.67 12.92
N ASN B 248 -12.70 -6.26 13.23
CA ASN B 248 -11.93 -5.42 12.33
C ASN B 248 -10.47 -5.82 12.17
N ALA B 249 -9.89 -6.53 13.12
CA ALA B 249 -8.46 -6.82 13.08
C ALA B 249 -8.18 -8.18 13.70
N ILE B 250 -7.02 -8.73 13.33
CA ILE B 250 -6.62 -10.06 13.77
C ILE B 250 -5.12 -10.17 13.55
N CYS B 251 -4.45 -10.94 14.40
CA CYS B 251 -2.99 -11.00 14.36
C CYS B 251 -2.51 -12.22 15.14
N PHE B 252 -1.70 -13.05 14.51
CA PHE B 252 -1.15 -14.25 15.13
C PHE B 252 -0.12 -13.91 16.20
N PHE B 253 0.09 -14.86 17.10
CA PHE B 253 1.16 -14.87 18.07
C PHE B 253 2.46 -15.32 17.40
N PRO B 254 3.62 -14.89 17.92
CA PRO B 254 4.89 -15.35 17.34
C PRO B 254 5.12 -16.85 17.40
N ASN B 255 4.53 -17.55 18.37
CA ASN B 255 4.64 -19.01 18.40
C ASN B 255 3.99 -19.65 17.18
N GLY B 256 2.84 -19.13 16.76
CA GLY B 256 2.03 -19.78 15.77
C GLY B 256 0.90 -20.62 16.32
N ASN B 257 0.58 -20.45 17.60
CA ASN B 257 -0.48 -21.22 18.25
C ASN B 257 -1.51 -20.35 18.95
N ALA B 258 -1.52 -19.05 18.70
CA ALA B 258 -2.48 -18.13 19.32
C ALA B 258 -2.65 -16.92 18.41
N PHE B 259 -3.73 -16.17 18.65
CA PHE B 259 -3.97 -14.98 17.87
C PHE B 259 -4.85 -14.01 18.65
N ALA B 260 -4.69 -12.73 18.35
CA ALA B 260 -5.47 -11.66 18.96
C ALA B 260 -6.66 -11.32 18.08
N THR B 261 -7.53 -10.45 18.58
CA THR B 261 -8.77 -10.11 17.87
C THR B 261 -9.25 -8.75 18.35
N GLY B 262 -9.36 -7.81 17.41
CA GLY B 262 -9.89 -6.48 17.68
C GLY B 262 -11.26 -6.34 17.02
N SER B 263 -12.17 -5.66 17.72
CA SER B 263 -13.57 -5.69 17.33
C SER B 263 -14.23 -4.33 17.60
N ASP B 264 -15.47 -4.21 17.14
CA ASP B 264 -16.20 -2.96 17.22
C ASP B 264 -16.78 -2.69 18.60
N ASP B 265 -16.78 -3.68 19.50
CA ASP B 265 -17.36 -3.52 20.82
C ASP B 265 -16.35 -3.09 21.88
N ALA B 266 -15.27 -2.42 21.46
CA ALA B 266 -14.22 -1.94 22.36
C ALA B 266 -13.64 -3.07 23.21
N THR B 267 -13.45 -4.23 22.58
CA THR B 267 -13.08 -5.45 23.30
C THR B 267 -12.03 -6.19 22.48
N CYS B 268 -10.78 -6.15 22.94
CA CYS B 268 -9.70 -6.89 22.33
C CYS B 268 -9.37 -8.10 23.18
N ARG B 269 -9.26 -9.26 22.53
CA ARG B 269 -9.11 -10.53 23.22
C ARG B 269 -7.82 -11.23 22.80
N LEU B 270 -7.55 -12.35 23.45
CA LEU B 270 -6.54 -13.30 23.01
C LEU B 270 -7.18 -14.69 22.98
N PHE B 271 -7.03 -15.39 21.86
CA PHE B 271 -7.60 -16.72 21.69
C PHE B 271 -6.48 -17.75 21.63
N ASP B 272 -6.86 -19.03 21.74
CA ASP B 272 -5.89 -20.11 21.86
C ASP B 272 -6.26 -21.26 20.92
N LEU B 273 -5.30 -21.62 20.06
CA LEU B 273 -5.57 -22.63 19.03
C LEU B 273 -5.66 -24.03 19.62
N ARG B 274 -4.77 -24.36 20.56
CA ARG B 274 -4.79 -25.71 21.13
C ARG B 274 -6.07 -25.96 21.93
N ALA B 275 -6.45 -24.99 22.77
CA ALA B 275 -7.58 -25.20 23.66
C ALA B 275 -8.92 -25.10 22.95
N ASP B 276 -8.94 -24.55 21.73
CA ASP B 276 -10.17 -24.26 20.98
C ASP B 276 -11.13 -23.41 21.81
N GLN B 277 -10.58 -22.45 22.53
CA GLN B 277 -11.39 -21.58 23.39
C GLN B 277 -10.64 -20.28 23.59
N GLU B 278 -11.18 -19.43 24.46
CA GLU B 278 -10.83 -18.03 24.55
C GLU B 278 -10.09 -17.75 25.85
N LEU B 279 -8.89 -17.18 25.73
CA LEU B 279 -8.05 -16.76 26.83
C LEU B 279 -8.37 -15.31 27.19
N MET B 280 -7.48 -14.68 27.96
CA MET B 280 -7.82 -13.46 28.70
C MET B 280 -8.19 -12.31 27.77
N THR B 281 -9.18 -11.53 28.20
CA THR B 281 -9.78 -10.46 27.41
C THR B 281 -9.47 -9.11 28.04
N TYR B 282 -8.89 -8.20 27.25
CA TYR B 282 -8.43 -6.91 27.75
C TYR B 282 -9.38 -5.81 27.28
N SER B 283 -10.48 -5.68 28.02
CA SER B 283 -11.49 -4.66 27.75
C SER B 283 -11.56 -3.70 28.91
N HIS B 284 -12.07 -2.50 28.63
CA HIS B 284 -12.15 -1.44 29.62
C HIS B 284 -13.56 -0.91 29.69
N ASP B 285 -13.93 -0.38 30.86
CA ASP B 285 -15.31 0.04 31.10
C ASP B 285 -15.64 1.32 30.34
N ASN B 286 -14.73 2.28 30.34
CA ASN B 286 -15.03 3.60 29.77
C ASN B 286 -14.85 3.65 28.26
N ILE B 287 -14.19 2.68 27.66
CA ILE B 287 -13.92 2.69 26.22
C ILE B 287 -15.12 2.11 25.49
N ILE B 288 -15.61 2.83 24.49
CA ILE B 288 -16.74 2.39 23.69
C ILE B 288 -16.45 2.40 22.20
N CYS B 289 -15.37 3.03 21.76
CA CYS B 289 -15.05 3.07 20.34
C CYS B 289 -14.54 1.72 19.86
N GLY B 290 -14.72 1.46 18.57
CA GLY B 290 -14.30 0.20 18.01
C GLY B 290 -12.80 0.11 17.83
N ILE B 291 -12.31 -1.13 17.86
CA ILE B 291 -10.91 -1.42 17.58
C ILE B 291 -10.76 -1.58 16.07
N THR B 292 -9.74 -0.92 15.50
CA THR B 292 -9.49 -0.99 14.07
C THR B 292 -8.24 -1.78 13.69
N SER B 293 -7.25 -1.85 14.56
CA SER B 293 -6.04 -2.58 14.25
C SER B 293 -5.40 -3.09 15.54
N VAL B 294 -4.96 -4.35 15.51
CA VAL B 294 -4.23 -4.95 16.62
C VAL B 294 -2.93 -5.51 16.09
N SER B 295 -1.91 -5.54 16.93
CA SER B 295 -0.60 -6.04 16.55
C SER B 295 0.12 -6.55 17.78
N PHE B 296 1.11 -7.40 17.55
CA PHE B 296 1.88 -8.03 18.62
C PHE B 296 3.33 -7.58 18.56
N SER B 297 4.00 -7.68 19.70
CA SER B 297 5.42 -7.38 19.78
C SER B 297 6.24 -8.53 19.21
N LYS B 298 7.56 -8.38 19.25
CA LYS B 298 8.43 -9.44 18.75
C LYS B 298 8.31 -10.70 19.60
N SER B 299 8.23 -10.54 20.92
CA SER B 299 8.05 -11.66 21.82
C SER B 299 6.59 -12.03 22.02
N GLY B 300 5.66 -11.20 21.55
CA GLY B 300 4.25 -11.42 21.80
C GLY B 300 3.74 -10.93 23.13
N ARG B 301 4.61 -10.34 23.96
CA ARG B 301 4.18 -9.89 25.28
C ARG B 301 3.39 -8.58 25.20
N LEU B 302 3.78 -7.68 24.33
CA LEU B 302 3.13 -6.38 24.19
C LEU B 302 2.16 -6.42 23.02
N LEU B 303 0.92 -6.04 23.27
CA LEU B 303 -0.10 -5.92 22.24
C LEU B 303 -0.47 -4.46 22.07
N LEU B 304 -0.42 -3.99 20.83
CA LEU B 304 -0.82 -2.63 20.48
C LEU B 304 -2.16 -2.72 19.77
N ALA B 305 -3.16 -1.97 20.27
CA ALA B 305 -4.50 -2.01 19.72
C ALA B 305 -4.88 -0.61 19.25
N GLY B 306 -5.43 -0.53 18.03
CA GLY B 306 -5.95 0.72 17.55
C GLY B 306 -7.32 1.02 18.11
N TYR B 307 -7.64 2.31 18.19
CA TYR B 307 -8.90 2.74 18.77
C TYR B 307 -9.52 3.82 17.90
N ASP B 308 -10.84 3.80 17.77
CA ASP B 308 -11.54 4.78 16.95
C ASP B 308 -11.76 6.11 17.65
N ASP B 309 -11.37 6.24 18.93
CA ASP B 309 -11.52 7.50 19.65
C ASP B 309 -10.24 8.34 19.59
N PHE B 310 -9.56 8.32 18.43
CA PHE B 310 -8.40 9.17 18.12
C PHE B 310 -7.18 8.76 18.93
N ASN B 311 -6.97 7.46 19.09
CA ASN B 311 -5.97 6.98 20.03
C ASN B 311 -5.53 5.58 19.62
N CYS B 312 -4.42 5.14 20.21
CA CYS B 312 -3.93 3.76 20.04
C CYS B 312 -3.19 3.38 21.31
N ASN B 313 -3.84 2.58 22.14
CA ASN B 313 -3.29 2.20 23.45
C ASN B 313 -2.67 0.81 23.38
N VAL B 314 -1.68 0.59 24.25
CA VAL B 314 -1.00 -0.69 24.33
C VAL B 314 -1.55 -1.45 25.52
N TRP B 315 -1.33 -2.75 25.53
CA TRP B 315 -1.80 -3.63 26.59
C TRP B 315 -0.71 -4.65 26.89
N ASP B 316 -1.08 -5.68 27.62
CA ASP B 316 -0.25 -6.87 27.79
C ASP B 316 -1.05 -8.07 27.30
N ALA B 317 -0.39 -8.97 26.58
CA ALA B 317 -1.08 -10.12 26.04
C ALA B 317 -1.37 -11.17 27.10
N LEU B 318 -0.75 -11.07 28.27
CA LEU B 318 -0.96 -12.03 29.35
C LEU B 318 -1.90 -11.48 30.43
N LYS B 319 -1.58 -10.32 30.98
CA LYS B 319 -2.39 -9.66 32.00
C LYS B 319 -3.12 -8.46 31.40
N ALA B 320 -4.14 -8.01 32.12
CA ALA B 320 -4.92 -6.85 31.68
C ALA B 320 -4.30 -5.60 32.29
N ASP B 321 -3.59 -4.83 31.47
CA ASP B 321 -2.93 -3.63 31.96
C ASP B 321 -2.67 -2.62 30.84
N ARG B 322 -3.17 -1.40 31.00
CA ARG B 322 -2.86 -0.34 30.04
C ARG B 322 -1.44 0.17 30.29
N ALA B 323 -0.46 -0.44 29.62
CA ALA B 323 0.93 -0.10 29.87
C ALA B 323 1.34 1.25 29.32
N GLY B 324 0.51 1.89 28.52
CA GLY B 324 0.86 3.18 27.95
C GLY B 324 -0.16 3.62 26.93
N VAL B 325 -0.09 4.90 26.57
CA VAL B 325 -0.99 5.52 25.62
C VAL B 325 -0.15 6.20 24.54
N LEU B 326 -0.41 5.86 23.28
CA LEU B 326 0.24 6.49 22.13
C LEU B 326 -0.77 7.42 21.48
N ALA B 327 -0.67 8.71 21.80
CA ALA B 327 -1.63 9.69 21.33
C ALA B 327 -0.96 10.66 20.35
N GLY B 328 -1.79 11.37 19.59
CA GLY B 328 -1.28 12.36 18.67
C GLY B 328 -1.94 12.35 17.31
N HIS B 329 -2.98 11.54 17.14
CA HIS B 329 -3.67 11.41 15.86
C HIS B 329 -4.91 12.28 15.85
N ASP B 330 -5.03 13.13 14.84
CA ASP B 330 -6.19 14.00 14.70
C ASP B 330 -7.44 13.24 14.26
N ASN B 331 -7.28 12.11 13.57
CA ASN B 331 -8.42 11.35 13.10
C ASN B 331 -8.29 9.87 13.49
N ARG B 332 -9.19 9.03 12.99
CA ARG B 332 -9.24 7.64 13.41
C ARG B 332 -8.07 6.84 12.86
N VAL B 333 -7.42 6.06 13.71
CA VAL B 333 -6.36 5.15 13.29
C VAL B 333 -7.00 3.95 12.61
N SER B 334 -6.49 3.59 11.44
CA SER B 334 -7.02 2.48 10.67
C SER B 334 -5.96 1.47 10.26
N CYS B 335 -4.69 1.73 10.57
CA CYS B 335 -3.63 0.80 10.25
C CYS B 335 -2.55 0.89 11.32
N LEU B 336 -2.19 -0.25 11.89
CA LEU B 336 -1.14 -0.37 12.88
C LEU B 336 -0.21 -1.50 12.49
N GLY B 337 1.09 -1.27 12.62
CA GLY B 337 2.06 -2.26 12.19
C GLY B 337 3.32 -2.33 13.03
N VAL B 338 3.78 -3.54 13.31
CA VAL B 338 5.02 -3.79 14.04
C VAL B 338 5.94 -4.59 13.12
N THR B 339 7.19 -4.14 13.01
CA THR B 339 8.16 -4.73 12.10
C THR B 339 8.54 -6.15 12.54
N ASP B 340 9.21 -6.86 11.64
CA ASP B 340 9.61 -8.24 11.92
C ASP B 340 10.63 -8.30 13.05
N ASP B 341 11.58 -7.35 13.09
CA ASP B 341 12.51 -7.30 14.21
C ASP B 341 11.90 -6.66 15.45
N GLY B 342 10.71 -6.08 15.34
CA GLY B 342 10.06 -5.47 16.48
C GLY B 342 10.70 -4.18 16.95
N MET B 343 11.50 -3.55 16.11
CA MET B 343 12.24 -2.37 16.55
C MET B 343 11.37 -1.13 16.63
N ALA B 344 10.39 -1.00 15.73
CA ALA B 344 9.55 0.20 15.70
C ALA B 344 8.12 -0.20 15.37
N VAL B 345 7.19 0.67 15.76
CA VAL B 345 5.77 0.49 15.49
C VAL B 345 5.29 1.64 14.62
N ALA B 346 4.51 1.33 13.60
CA ALA B 346 3.95 2.34 12.72
C ALA B 346 2.46 2.48 13.01
N THR B 347 1.99 3.72 13.04
CA THR B 347 0.61 4.03 13.40
C THR B 347 0.07 5.04 12.40
N GLY B 348 -0.94 4.65 11.63
CA GLY B 348 -1.48 5.52 10.60
C GLY B 348 -2.95 5.83 10.75
N SER B 349 -3.30 7.10 10.70
CA SER B 349 -4.68 7.55 10.87
C SER B 349 -5.16 8.24 9.61
N TRP B 350 -6.36 8.83 9.70
CA TRP B 350 -6.97 9.51 8.58
C TRP B 350 -6.56 10.97 8.49
N ASP B 351 -5.66 11.42 9.35
CA ASP B 351 -5.17 12.79 9.32
C ASP B 351 -4.11 13.03 8.26
N SER B 352 -3.95 12.11 7.31
CA SER B 352 -3.00 12.10 6.19
C SER B 352 -1.56 11.95 6.65
N PHE B 353 -1.29 11.82 7.94
CA PHE B 353 0.06 11.65 8.47
C PHE B 353 0.12 10.38 9.30
N LEU B 354 1.06 9.50 8.98
CA LEU B 354 1.27 8.28 9.72
C LEU B 354 2.58 8.35 10.48
N LYS B 355 2.59 7.82 11.69
CA LYS B 355 3.67 8.03 12.64
C LYS B 355 4.39 6.73 12.93
N ILE B 356 5.68 6.85 13.25
CA ILE B 356 6.50 5.72 13.67
C ILE B 356 7.11 6.08 15.01
N TRP B 357 6.87 5.23 16.00
CA TRP B 357 7.33 5.45 17.36
C TRP B 357 8.52 4.52 17.63
N ASN B 358 8.99 4.53 18.87
CA ASN B 358 10.07 3.64 19.28
C ASN B 358 9.82 3.09 20.68
N VAL C 4 14.82 -1.81 -23.91
CA VAL C 4 15.83 -0.91 -23.35
C VAL C 4 17.10 -0.97 -24.18
N GLN C 5 17.45 0.15 -24.81
CA GLN C 5 18.65 0.22 -25.64
C GLN C 5 19.04 1.68 -25.82
N LEU C 6 20.32 1.96 -25.61
CA LEU C 6 20.86 3.30 -25.77
C LEU C 6 21.72 3.35 -27.03
N VAL C 7 21.38 4.26 -27.94
CA VAL C 7 22.13 4.48 -29.17
C VAL C 7 22.64 5.91 -29.15
N GLU C 8 23.96 6.06 -29.27
CA GLU C 8 24.61 7.37 -29.29
C GLU C 8 25.11 7.65 -30.69
N SER C 9 24.82 8.84 -31.20
CA SER C 9 25.13 9.21 -32.57
C SER C 9 25.92 10.51 -32.60
N GLY C 10 26.70 10.69 -33.67
CA GLY C 10 27.54 11.85 -33.83
C GLY C 10 29.00 11.46 -33.93
N GLY C 11 29.86 12.39 -33.54
CA GLY C 11 31.28 12.13 -33.52
C GLY C 11 31.92 12.16 -34.90
N GLY C 12 33.21 11.84 -34.91
CA GLY C 12 33.96 11.85 -36.15
C GLY C 12 35.21 12.72 -36.07
N LEU C 13 35.76 13.08 -37.22
CA LEU C 13 36.93 13.95 -37.25
C LEU C 13 36.56 15.37 -36.86
N VAL C 14 37.51 16.09 -36.28
CA VAL C 14 37.32 17.47 -35.88
C VAL C 14 38.66 18.17 -35.90
N GLN C 15 38.64 19.47 -36.20
CA GLN C 15 39.86 20.25 -36.22
C GLN C 15 40.33 20.54 -34.80
N PRO C 16 41.64 20.58 -34.57
CA PRO C 16 42.16 20.78 -33.20
C PRO C 16 41.89 22.18 -32.67
N GLY C 17 40.66 22.41 -32.24
CA GLY C 17 40.22 23.72 -31.81
C GLY C 17 38.78 23.98 -32.17
N GLY C 18 38.18 23.06 -32.91
CA GLY C 18 36.78 23.18 -33.29
C GLY C 18 35.84 22.73 -32.20
N SER C 19 34.66 22.24 -32.57
CA SER C 19 33.69 21.80 -31.59
C SER C 19 32.78 20.75 -32.23
N ARG C 20 32.31 19.83 -31.40
CA ARG C 20 31.31 18.85 -31.80
C ARG C 20 30.26 18.75 -30.69
N LYS C 21 29.08 18.27 -31.06
CA LYS C 21 27.96 18.13 -30.13
C LYS C 21 27.42 16.71 -30.24
N LEU C 22 27.94 15.81 -29.40
CA LEU C 22 27.46 14.44 -29.37
C LEU C 22 26.08 14.37 -28.72
N SER C 23 25.29 13.40 -29.18
CA SER C 23 23.93 13.25 -28.70
C SER C 23 23.60 11.77 -28.59
N CYS C 24 22.86 11.42 -27.55
CA CYS C 24 22.43 10.03 -27.34
C CYS C 24 20.95 10.01 -26.99
N SER C 25 20.29 8.92 -27.37
CA SER C 25 18.86 8.77 -27.19
C SER C 25 18.57 7.43 -26.52
N ALA C 26 17.47 7.38 -25.78
CA ALA C 26 17.02 6.18 -25.10
C ALA C 26 15.68 5.75 -25.65
N SER C 27 15.47 4.44 -25.71
CA SER C 27 14.21 3.89 -26.24
C SER C 27 13.95 2.57 -25.50
N GLY C 28 13.10 2.62 -24.48
CA GLY C 28 12.76 1.42 -23.76
C GLY C 28 12.56 1.62 -22.27
N PHE C 29 13.08 2.71 -21.72
CA PHE C 29 12.92 2.99 -20.30
C PHE C 29 12.56 4.45 -20.11
N ALA C 30 11.94 4.74 -18.96
CA ALA C 30 11.55 6.09 -18.60
C ALA C 30 12.79 6.97 -18.44
N PHE C 31 12.96 7.93 -19.33
CA PHE C 31 14.18 8.73 -19.36
C PHE C 31 14.25 9.66 -18.15
N SER C 32 13.11 10.24 -17.75
CA SER C 32 13.12 11.29 -16.73
C SER C 32 13.45 10.76 -15.35
N SER C 33 13.38 9.44 -15.14
CA SER C 33 13.67 8.84 -13.85
C SER C 33 15.12 8.44 -13.69
N PHE C 34 15.97 8.73 -14.68
CA PHE C 34 17.34 8.25 -14.70
C PHE C 34 18.30 9.43 -14.79
N GLY C 35 19.37 9.39 -14.00
CA GLY C 35 20.44 10.36 -14.10
C GLY C 35 21.54 9.85 -14.99
N MET C 36 21.64 10.39 -16.21
CA MET C 36 22.52 9.85 -17.23
C MET C 36 23.91 10.47 -17.17
N HIS C 37 24.91 9.66 -17.48
CA HIS C 37 26.31 10.01 -17.37
C HIS C 37 26.99 9.96 -18.73
N TRP C 38 28.13 10.60 -18.83
CA TRP C 38 29.04 10.46 -19.96
C TRP C 38 30.38 9.95 -19.44
N VAL C 39 30.86 8.86 -20.01
CA VAL C 39 32.13 8.24 -19.64
C VAL C 39 32.91 8.00 -20.91
N ARG C 40 34.13 8.53 -20.97
CA ARG C 40 34.97 8.38 -22.15
C ARG C 40 35.98 7.26 -21.94
N GLN C 41 36.49 6.75 -23.06
CA GLN C 41 37.55 5.75 -23.03
C GLN C 41 38.56 6.03 -24.13
N ALA C 42 39.79 6.32 -23.73
CA ALA C 42 40.88 6.46 -24.68
C ALA C 42 41.11 5.13 -25.41
N PRO C 43 41.58 5.17 -26.66
CA PRO C 43 41.61 3.93 -27.47
C PRO C 43 42.51 2.83 -26.93
N GLU C 44 43.50 3.16 -26.09
CA GLU C 44 44.38 2.17 -25.50
C GLU C 44 44.61 2.49 -24.02
N LYS C 45 43.54 2.85 -23.32
CA LYS C 45 43.64 3.17 -21.90
C LYS C 45 42.32 2.82 -21.23
N GLY C 46 42.18 3.22 -19.98
CA GLY C 46 41.01 2.88 -19.18
C GLY C 46 39.84 3.82 -19.41
N LEU C 47 38.94 3.83 -18.45
CA LEU C 47 37.74 4.65 -18.52
C LEU C 47 37.89 5.91 -17.67
N GLU C 48 37.12 6.94 -18.01
CA GLU C 48 37.15 8.19 -17.29
C GLU C 48 35.78 8.85 -17.36
N TRP C 49 35.34 9.40 -16.23
CA TRP C 49 34.05 10.08 -16.15
C TRP C 49 34.15 11.48 -16.75
N VAL C 50 33.09 11.92 -17.42
CA VAL C 50 33.10 13.19 -18.13
C VAL C 50 32.02 14.14 -17.62
N ALA C 51 30.75 13.76 -17.79
CA ALA C 51 29.64 14.66 -17.52
C ALA C 51 28.51 13.93 -16.82
N TYR C 52 27.56 14.70 -16.28
CA TYR C 52 26.44 14.13 -15.55
C TYR C 52 25.28 15.11 -15.55
N ILE C 53 24.07 14.58 -15.72
CA ILE C 53 22.85 15.36 -15.53
C ILE C 53 21.88 14.51 -14.72
N SER C 54 21.16 15.13 -13.81
CA SER C 54 20.29 14.42 -12.87
C SER C 54 18.91 14.22 -13.49
N SER C 55 17.95 13.80 -12.67
CA SER C 55 16.58 13.63 -13.10
C SER C 55 15.89 14.99 -13.12
N GLY C 56 15.38 15.38 -14.29
CA GLY C 56 14.77 16.69 -14.43
C GLY C 56 15.77 17.83 -14.46
N SER C 57 17.02 17.55 -14.80
CA SER C 57 18.10 18.54 -14.90
C SER C 57 18.34 19.28 -13.59
N GLY C 58 18.09 18.61 -12.46
CA GLY C 58 18.22 19.26 -11.17
C GLY C 58 19.63 19.41 -10.66
N THR C 59 20.58 18.61 -11.17
CA THR C 59 21.96 18.70 -10.74
C THR C 59 22.84 18.29 -11.91
N ILE C 60 23.81 19.15 -12.26
CA ILE C 60 24.70 18.90 -13.39
C ILE C 60 26.13 19.04 -12.89
N TYR C 61 26.90 17.95 -13.01
CA TYR C 61 28.28 17.93 -12.54
C TYR C 61 29.19 17.60 -13.70
N TYR C 62 30.41 18.16 -13.62
CA TYR C 62 31.40 17.95 -14.66
C TYR C 62 32.71 17.51 -14.01
N ALA C 63 33.61 16.99 -14.83
CA ALA C 63 34.91 16.59 -14.34
C ALA C 63 35.89 17.77 -14.36
N ASP C 64 37.08 17.54 -13.80
CA ASP C 64 38.09 18.57 -13.73
C ASP C 64 38.59 18.96 -15.12
N THR C 65 38.75 17.98 -16.00
CA THR C 65 39.11 18.23 -17.40
C THR C 65 37.90 18.58 -18.25
N VAL C 66 36.73 18.68 -17.62
CA VAL C 66 35.48 18.97 -18.32
C VAL C 66 34.90 20.33 -17.92
N LYS C 67 35.17 20.81 -16.70
CA LYS C 67 34.65 22.08 -16.23
C LYS C 67 35.15 23.25 -17.08
N GLY C 68 34.23 24.11 -17.48
CA GLY C 68 34.55 25.31 -18.23
C GLY C 68 34.69 25.12 -19.72
N ARG C 69 34.59 23.90 -20.23
CA ARG C 69 34.76 23.65 -21.65
C ARG C 69 33.61 22.88 -22.28
N PHE C 70 33.02 21.92 -21.55
CA PHE C 70 31.96 21.08 -22.08
C PHE C 70 30.66 21.42 -21.37
N THR C 71 29.54 20.94 -21.93
CA THR C 71 28.25 21.07 -21.26
C THR C 71 27.34 19.94 -21.69
N ILE C 72 26.41 19.57 -20.81
CA ILE C 72 25.50 18.45 -21.01
C ILE C 72 24.07 18.93 -20.83
N SER C 73 23.20 18.54 -21.75
CA SER C 73 21.77 18.87 -21.68
C SER C 73 20.98 17.64 -22.10
N ARG C 74 19.73 17.57 -21.64
CA ARG C 74 18.85 16.48 -22.01
C ARG C 74 17.50 17.03 -22.45
N ASP C 75 16.88 16.38 -23.42
CA ASP C 75 15.57 16.78 -23.93
C ASP C 75 14.58 15.69 -23.51
N ASP C 76 14.00 15.87 -22.32
CA ASP C 76 13.10 14.87 -21.77
C ASP C 76 11.83 14.61 -22.58
N PRO C 77 11.13 15.62 -23.15
CA PRO C 77 9.97 15.27 -24.01
C PRO C 77 10.32 14.43 -25.23
N LYS C 78 11.50 14.62 -25.81
CA LYS C 78 11.91 13.85 -26.97
C LYS C 78 12.86 12.70 -26.64
N ASN C 79 13.23 12.55 -25.37
CA ASN C 79 14.11 11.47 -24.89
C ASN C 79 15.45 11.48 -25.62
N THR C 80 16.19 12.57 -25.43
CA THR C 80 17.51 12.72 -26.03
C THR C 80 18.45 13.41 -25.05
N LEU C 81 19.67 12.88 -24.94
CA LEU C 81 20.72 13.47 -24.12
C LEU C 81 21.76 14.08 -25.04
N PHE C 82 22.20 15.30 -24.70
CA PHE C 82 23.12 16.08 -25.52
C PHE C 82 24.41 16.33 -24.76
N LEU C 83 25.53 16.19 -25.46
CA LEU C 83 26.85 16.56 -24.96
C LEU C 83 27.44 17.56 -25.92
N GLN C 84 27.52 18.83 -25.50
CA GLN C 84 28.10 19.89 -26.31
C GLN C 84 29.49 20.20 -25.80
N MET C 85 30.50 19.90 -26.60
CA MET C 85 31.90 20.09 -26.26
C MET C 85 32.48 21.23 -27.08
N THR C 86 33.28 22.08 -26.44
CA THR C 86 33.95 23.17 -27.12
C THR C 86 35.45 23.09 -26.83
N SER C 87 36.23 23.59 -27.78
CA SER C 87 37.70 23.59 -27.72
C SER C 87 38.24 22.17 -27.55
N LEU C 88 38.01 21.35 -28.58
CA LEU C 88 38.42 19.96 -28.56
C LEU C 88 39.92 19.86 -28.78
N THR C 89 40.66 19.49 -27.73
CA THR C 89 42.10 19.26 -27.85
C THR C 89 42.34 17.84 -28.38
N SER C 90 43.60 17.42 -28.41
CA SER C 90 43.94 16.08 -28.86
C SER C 90 43.81 15.05 -27.76
N GLU C 91 43.61 15.47 -26.51
CA GLU C 91 43.42 14.54 -25.41
C GLU C 91 41.99 14.05 -25.30
N ASP C 92 41.07 14.57 -26.12
CA ASP C 92 39.68 14.15 -26.11
C ASP C 92 39.39 13.06 -27.13
N THR C 93 40.42 12.51 -27.77
CA THR C 93 40.21 11.43 -28.71
C THR C 93 39.85 10.16 -27.96
N ALA C 94 38.55 9.92 -27.79
CA ALA C 94 38.09 8.82 -26.94
C ALA C 94 36.74 8.33 -27.45
N MET C 95 36.39 7.11 -27.02
CA MET C 95 35.07 6.55 -27.26
C MET C 95 34.16 6.96 -26.12
N TYR C 96 33.04 7.60 -26.44
CA TYR C 96 32.18 8.22 -25.44
C TYR C 96 30.97 7.34 -25.18
N TYR C 97 30.82 6.90 -23.93
CA TYR C 97 29.75 6.02 -23.53
C TYR C 97 28.66 6.78 -22.78
N CYS C 98 27.42 6.36 -23.01
CA CYS C 98 26.25 6.92 -22.32
C CYS C 98 25.76 5.89 -21.31
N VAL C 99 25.71 6.29 -20.04
CA VAL C 99 25.42 5.37 -18.93
C VAL C 99 24.20 5.87 -18.19
N ARG C 100 23.25 4.99 -17.94
CA ARG C 100 22.08 5.33 -17.13
C ARG C 100 22.33 4.98 -15.66
N SER C 101 21.61 5.67 -14.79
CA SER C 101 21.74 5.46 -13.36
C SER C 101 20.48 5.95 -12.65
N ILE C 102 19.99 5.14 -11.73
CA ILE C 102 18.83 5.47 -10.92
C ILE C 102 19.27 5.44 -9.46
N TYR C 103 18.61 6.23 -8.62
CA TYR C 103 19.04 6.43 -7.24
C TYR C 103 17.85 6.36 -6.30
N TYR C 104 17.71 5.24 -5.59
CA TYR C 104 16.82 5.10 -4.46
C TYR C 104 17.37 3.99 -3.58
N TYR C 105 16.67 3.71 -2.49
CA TYR C 105 17.10 2.64 -1.61
C TYR C 105 16.97 1.30 -2.32
N GLY C 106 18.10 0.62 -2.52
CA GLY C 106 18.12 -0.63 -3.24
C GLY C 106 18.32 -0.50 -4.73
N SER C 107 18.78 0.65 -5.21
CA SER C 107 18.96 0.85 -6.63
C SER C 107 20.28 0.25 -7.10
N SER C 108 20.43 0.19 -8.41
CA SER C 108 21.64 -0.30 -9.06
C SER C 108 22.10 0.75 -10.07
N PRO C 109 22.88 1.74 -9.64
CA PRO C 109 23.38 2.73 -10.57
C PRO C 109 24.39 2.13 -11.53
N PHE C 110 24.52 2.79 -12.69
CA PHE C 110 25.44 2.39 -13.77
C PHE C 110 25.15 0.97 -14.25
N ASP C 111 23.87 0.69 -14.48
CA ASP C 111 23.41 -0.64 -14.83
C ASP C 111 23.22 -0.86 -16.32
N PHE C 112 23.43 0.16 -17.14
CA PHE C 112 23.28 0.00 -18.58
C PHE C 112 24.17 1.00 -19.29
N TRP C 113 24.90 0.52 -20.30
CA TRP C 113 25.84 1.32 -21.07
C TRP C 113 25.47 1.27 -22.54
N GLY C 114 25.56 2.41 -23.20
CA GLY C 114 25.30 2.47 -24.63
C GLY C 114 26.58 2.27 -25.42
N GLN C 115 26.42 1.85 -26.67
CA GLN C 115 27.55 1.66 -27.55
C GLN C 115 28.19 3.02 -27.86
N GLY C 116 29.51 3.06 -27.77
CA GLY C 116 30.21 4.33 -27.74
C GLY C 116 30.29 5.03 -29.08
N THR C 117 30.78 6.27 -29.03
CA THR C 117 31.01 7.08 -30.21
C THR C 117 32.50 7.41 -30.29
N THR C 118 33.14 6.97 -31.36
CA THR C 118 34.57 7.20 -31.54
C THR C 118 34.80 8.64 -32.00
N LEU C 119 35.55 9.39 -31.22
CA LEU C 119 35.87 10.78 -31.54
C LEU C 119 37.36 10.88 -31.85
N THR C 120 37.68 11.52 -32.96
CA THR C 120 39.06 11.71 -33.39
C THR C 120 39.32 13.20 -33.57
N VAL C 121 40.30 13.71 -32.85
CA VAL C 121 40.74 15.10 -32.97
C VAL C 121 42.19 15.05 -33.45
N SER C 122 42.37 15.12 -34.76
CA SER C 122 43.71 15.03 -35.34
C SER C 122 44.48 16.34 -35.18
N ASP C 139 40.98 14.59 -4.60
CA ASP C 139 40.26 13.55 -5.32
C ASP C 139 40.66 12.17 -4.81
N ILE C 140 39.99 11.15 -5.34
CA ILE C 140 40.22 9.77 -4.96
C ILE C 140 41.04 9.10 -6.06
N VAL C 141 42.11 8.41 -5.67
CA VAL C 141 42.98 7.69 -6.60
C VAL C 141 42.84 6.21 -6.32
N MET C 142 42.56 5.44 -7.37
CA MET C 142 42.36 3.99 -7.26
C MET C 142 43.27 3.29 -8.25
N THR C 143 44.07 2.35 -7.75
CA THR C 143 44.94 1.54 -8.60
C THR C 143 44.77 0.08 -8.21
N GLN C 144 44.46 -0.78 -9.19
CA GLN C 144 44.07 -2.15 -8.91
C GLN C 144 45.03 -3.14 -9.56
N ALA C 145 45.58 -4.03 -8.72
CA ALA C 145 46.18 -5.31 -9.11
C ALA C 145 47.21 -5.25 -10.21
N THR C 146 47.42 -6.38 -10.88
CA THR C 146 48.26 -6.46 -12.07
C THR C 146 47.40 -6.13 -13.29
N SER C 147 47.94 -6.37 -14.48
CA SER C 147 47.19 -6.09 -15.70
C SER C 147 47.27 -7.18 -16.75
N SER C 148 48.01 -8.26 -16.50
CA SER C 148 48.13 -9.36 -17.46
C SER C 148 48.09 -10.69 -16.73
N VAL C 149 47.12 -10.85 -15.83
CA VAL C 149 47.09 -12.05 -14.97
C VAL C 149 46.76 -13.28 -15.82
N PRO C 150 47.43 -14.41 -15.60
CA PRO C 150 47.18 -15.60 -16.42
C PRO C 150 45.97 -16.41 -15.96
N VAL C 151 44.79 -16.03 -16.44
CA VAL C 151 43.58 -16.74 -16.06
C VAL C 151 43.54 -18.11 -16.73
N ILE C 152 43.24 -19.13 -15.93
CA ILE C 152 43.06 -20.50 -16.42
C ILE C 152 41.56 -20.78 -16.41
N PRO C 153 41.00 -21.45 -17.43
CA PRO C 153 39.56 -21.74 -17.40
C PRO C 153 39.18 -22.74 -16.33
N GLY C 154 38.61 -22.22 -15.25
CA GLY C 154 38.23 -23.00 -14.08
C GLY C 154 39.27 -22.87 -13.00
N GLU C 155 39.06 -21.94 -12.06
CA GLU C 155 40.03 -21.62 -11.02
C GLU C 155 39.36 -20.67 -10.04
N SER C 156 40.15 -20.18 -9.09
CA SER C 156 39.73 -19.14 -8.16
C SER C 156 40.61 -17.92 -8.38
N VAL C 157 40.05 -16.89 -9.00
CA VAL C 157 40.78 -15.68 -9.36
C VAL C 157 40.32 -14.54 -8.45
N SER C 158 41.27 -13.91 -7.76
CA SER C 158 40.98 -12.84 -6.82
C SER C 158 41.55 -11.54 -7.38
N ILE C 159 40.75 -10.85 -8.18
CA ILE C 159 41.13 -9.53 -8.70
C ILE C 159 40.98 -8.53 -7.57
N SER C 160 42.03 -7.76 -7.31
CA SER C 160 42.05 -6.85 -6.19
C SER C 160 41.70 -5.44 -6.64
N CYS C 161 41.70 -4.52 -5.68
CA CYS C 161 41.41 -3.12 -5.91
C CYS C 161 41.96 -2.34 -4.72
N ARG C 162 42.03 -1.02 -4.88
CA ARG C 162 42.57 -0.17 -3.84
C ARG C 162 41.97 1.23 -3.99
N SER C 163 42.08 2.02 -2.94
CA SER C 163 41.51 3.36 -2.95
C SER C 163 42.35 4.27 -2.08
N SER C 164 42.18 5.57 -2.28
CA SER C 164 42.86 6.58 -1.49
C SER C 164 42.14 6.87 -0.18
N LYS C 165 41.01 6.23 0.07
CA LYS C 165 40.24 6.46 1.28
C LYS C 165 39.41 5.22 1.58
N SER C 166 38.97 5.11 2.83
CA SER C 166 38.05 4.05 3.23
C SER C 166 36.66 4.45 2.76
N LEU C 167 36.11 3.72 1.78
CA LEU C 167 34.90 4.15 1.09
C LEU C 167 33.64 3.67 1.81
N LEU C 168 33.58 3.94 3.12
CA LEU C 168 32.45 3.58 3.95
C LEU C 168 31.79 4.83 4.50
N HIS C 169 30.47 4.91 4.39
CA HIS C 169 29.69 6.02 4.90
C HIS C 169 28.98 5.59 6.18
N SER C 170 28.39 6.59 6.87
CA SER C 170 27.66 6.31 8.11
C SER C 170 26.36 5.56 7.86
N ASN C 171 25.92 5.45 6.60
CA ASN C 171 24.70 4.73 6.27
C ASN C 171 24.89 3.22 6.24
N GLY C 172 26.09 2.72 6.50
CA GLY C 172 26.36 1.30 6.45
C GLY C 172 26.57 0.75 5.05
N ASN C 173 26.58 1.61 4.04
CA ASN C 173 26.80 1.21 2.66
C ASN C 173 28.22 1.58 2.27
N THR C 174 29.05 0.57 2.01
CA THR C 174 30.35 0.76 1.39
C THR C 174 30.13 0.80 -0.12
N TYR C 175 30.73 1.77 -0.80
CA TYR C 175 30.44 1.99 -2.22
C TYR C 175 31.65 1.59 -3.07
N LEU C 176 31.48 0.55 -3.88
CA LEU C 176 32.47 0.18 -4.88
C LEU C 176 31.83 -0.74 -5.91
N TYR C 177 32.07 -0.43 -7.18
CA TYR C 177 31.38 -1.07 -8.28
C TYR C 177 32.39 -1.81 -9.15
N TRP C 178 31.98 -2.96 -9.68
CA TRP C 178 32.83 -3.79 -10.52
C TRP C 178 32.24 -3.87 -11.92
N PHE C 179 33.05 -3.61 -12.94
CA PHE C 179 32.64 -3.60 -14.32
C PHE C 179 33.48 -4.58 -15.13
N LEU C 180 32.84 -5.29 -16.05
CA LEU C 180 33.51 -6.20 -16.96
C LEU C 180 33.34 -5.69 -18.38
N GLN C 181 34.47 -5.52 -19.07
CA GLN C 181 34.46 -5.06 -20.45
C GLN C 181 34.91 -6.21 -21.34
N ARG C 182 33.95 -6.86 -21.97
CA ARG C 182 34.26 -7.89 -22.95
C ARG C 182 34.93 -7.27 -24.17
N PRO C 183 35.77 -8.03 -24.87
CA PRO C 183 36.46 -7.46 -26.05
C PRO C 183 35.48 -7.08 -27.15
N GLY C 184 35.46 -5.80 -27.47
CA GLY C 184 34.56 -5.28 -28.49
C GLY C 184 33.18 -4.93 -28.00
N GLN C 185 32.99 -4.74 -26.69
CA GLN C 185 31.67 -4.46 -26.14
C GLN C 185 31.77 -3.39 -25.06
N SER C 186 30.63 -2.82 -24.73
CA SER C 186 30.50 -1.84 -23.67
C SER C 186 30.61 -2.51 -22.30
N PRO C 187 31.03 -1.78 -21.28
CA PRO C 187 31.11 -2.36 -19.93
C PRO C 187 29.74 -2.76 -19.40
N GLN C 188 29.73 -3.82 -18.60
CA GLN C 188 28.54 -4.34 -17.95
C GLN C 188 28.77 -4.41 -16.46
N LEU C 189 27.77 -4.00 -15.68
CA LEU C 189 27.90 -3.98 -14.23
C LEU C 189 27.80 -5.39 -13.67
N LEU C 190 28.68 -5.71 -12.72
CA LEU C 190 28.66 -7.00 -12.04
C LEU C 190 28.27 -6.87 -10.58
N ILE C 191 29.01 -6.08 -9.81
CA ILE C 191 28.81 -5.94 -8.37
C ILE C 191 28.63 -4.46 -8.05
N TYR C 192 27.59 -4.15 -7.27
CA TYR C 192 27.42 -2.81 -6.76
C TYR C 192 27.41 -2.83 -5.24
N ARG C 193 27.33 -1.64 -4.65
CA ARG C 193 27.61 -1.39 -3.25
C ARG C 193 28.99 -1.95 -2.90
N MET C 194 29.04 -3.09 -2.29
CA MET C 194 30.29 -3.83 -2.16
C MET C 194 30.15 -5.29 -2.55
N SER C 195 29.00 -5.90 -2.26
CA SER C 195 28.82 -7.34 -2.42
C SER C 195 27.50 -7.71 -3.08
N ASN C 196 26.83 -6.75 -3.72
CA ASN C 196 25.50 -6.99 -4.29
C ASN C 196 25.63 -7.36 -5.76
N LEU C 197 25.09 -8.52 -6.12
CA LEU C 197 25.07 -8.94 -7.51
C LEU C 197 24.06 -8.14 -8.30
N ALA C 198 24.46 -7.67 -9.48
CA ALA C 198 23.51 -7.02 -10.38
C ALA C 198 22.66 -8.08 -11.09
N SER C 199 21.56 -7.63 -11.67
CA SER C 199 20.64 -8.54 -12.32
C SER C 199 21.26 -9.09 -13.60
N GLY C 200 21.08 -10.39 -13.82
CA GLY C 200 21.61 -11.06 -14.98
C GLY C 200 23.05 -11.54 -14.84
N VAL C 201 23.71 -11.23 -13.73
CA VAL C 201 25.07 -11.69 -13.48
C VAL C 201 25.00 -13.07 -12.85
N PRO C 202 25.73 -14.07 -13.35
CA PRO C 202 25.66 -15.42 -12.78
C PRO C 202 26.25 -15.47 -11.37
N ASP C 203 25.87 -16.53 -10.66
CA ASP C 203 26.15 -16.63 -9.23
C ASP C 203 27.63 -16.88 -8.93
N ARG C 204 28.44 -17.20 -9.94
CA ARG C 204 29.86 -17.41 -9.70
C ARG C 204 30.55 -16.11 -9.30
N PHE C 205 30.06 -14.98 -9.79
CA PHE C 205 30.64 -13.70 -9.44
C PHE C 205 30.26 -13.33 -8.02
N SER C 206 31.26 -12.94 -7.23
CA SER C 206 31.03 -12.56 -5.85
C SER C 206 32.17 -11.66 -5.41
N GLY C 207 31.85 -10.69 -4.58
CA GLY C 207 32.83 -9.72 -4.14
C GLY C 207 32.65 -9.42 -2.68
N SER C 208 33.75 -9.03 -2.04
CA SER C 208 33.76 -8.73 -0.62
C SER C 208 34.98 -7.89 -0.30
N GLY C 209 34.95 -7.25 0.86
CA GLY C 209 36.09 -6.47 1.28
C GLY C 209 35.74 -5.59 2.47
N SER C 210 36.60 -4.59 2.68
CA SER C 210 36.46 -3.64 3.76
C SER C 210 36.93 -2.28 3.23
N GLY C 211 37.19 -1.35 4.15
CA GLY C 211 37.66 -0.04 3.77
C GLY C 211 39.00 -0.06 3.05
N THR C 212 39.02 0.45 1.82
CA THR C 212 40.21 0.56 0.97
C THR C 212 40.86 -0.78 0.70
N ALA C 213 40.07 -1.85 0.67
CA ALA C 213 40.59 -3.19 0.41
C ALA C 213 39.43 -4.01 -0.15
N PHE C 214 39.42 -4.22 -1.47
CA PHE C 214 38.30 -4.83 -2.16
C PHE C 214 38.80 -5.92 -3.08
N THR C 215 38.04 -7.01 -3.17
CA THR C 215 38.45 -8.16 -3.96
C THR C 215 37.22 -8.79 -4.61
N LEU C 216 37.32 -9.07 -5.90
CA LEU C 216 36.30 -9.83 -6.62
C LEU C 216 36.80 -11.25 -6.78
N THR C 217 36.22 -12.16 -6.01
CA THR C 217 36.57 -13.58 -6.07
C THR C 217 35.69 -14.25 -7.12
N ILE C 218 36.29 -14.60 -8.24
CA ILE C 218 35.60 -15.35 -9.29
C ILE C 218 36.02 -16.81 -9.15
N SER C 219 35.06 -17.67 -8.87
CA SER C 219 35.30 -19.10 -8.73
C SER C 219 34.65 -19.84 -9.89
N ARG C 220 35.32 -20.89 -10.35
CA ARG C 220 34.90 -21.68 -11.52
C ARG C 220 34.76 -20.79 -12.75
N LEU C 221 35.91 -20.25 -13.18
CA LEU C 221 35.95 -19.39 -14.36
C LEU C 221 35.52 -20.16 -15.60
N GLU C 222 34.86 -19.45 -16.52
CA GLU C 222 34.32 -20.08 -17.71
C GLU C 222 34.55 -19.15 -18.89
N ALA C 223 33.87 -19.42 -19.99
CA ALA C 223 33.91 -18.57 -21.16
C ALA C 223 33.05 -17.32 -20.93
N GLU C 224 33.16 -16.38 -21.87
CA GLU C 224 32.50 -15.07 -21.82
C GLU C 224 32.87 -14.30 -20.56
N ASP C 225 34.05 -14.55 -20.01
CA ASP C 225 34.55 -13.81 -18.85
C ASP C 225 35.89 -13.15 -19.11
N VAL C 226 36.51 -13.37 -20.28
CA VAL C 226 37.77 -12.71 -20.59
C VAL C 226 37.51 -11.25 -20.91
N GLY C 227 38.39 -10.38 -20.44
CA GLY C 227 38.21 -8.96 -20.62
C GLY C 227 38.93 -8.19 -19.55
N VAL C 228 38.54 -6.92 -19.41
CA VAL C 228 39.19 -5.99 -18.49
C VAL C 228 38.20 -5.67 -17.37
N TYR C 229 38.69 -5.67 -16.13
CA TYR C 229 37.86 -5.47 -14.96
C TYR C 229 38.19 -4.13 -14.32
N TYR C 230 37.16 -3.37 -13.96
CA TYR C 230 37.30 -2.01 -13.49
C TYR C 230 36.63 -1.80 -12.14
N CYS C 231 37.15 -0.84 -11.38
CA CYS C 231 36.56 -0.37 -10.15
C CYS C 231 35.86 0.97 -10.35
N MET C 232 35.13 1.40 -9.33
CA MET C 232 34.48 2.71 -9.31
C MET C 232 34.20 3.07 -7.86
N GLN C 233 34.44 4.32 -7.50
CA GLN C 233 34.04 4.86 -6.22
C GLN C 233 32.81 5.73 -6.43
N HIS C 234 31.91 5.77 -5.44
CA HIS C 234 30.74 6.59 -5.62
C HIS C 234 30.37 7.32 -4.32
N LEU C 235 31.32 7.49 -3.41
CA LEU C 235 31.11 8.35 -2.24
C LEU C 235 31.23 9.83 -2.63
N GLU C 236 32.46 10.28 -2.88
CA GLU C 236 32.69 11.60 -3.44
C GLU C 236 32.33 11.53 -4.92
N TYR C 237 31.73 12.59 -5.43
CA TYR C 237 31.06 12.36 -6.71
C TYR C 237 32.02 12.33 -7.91
N PRO C 238 33.12 13.17 -7.99
CA PRO C 238 34.06 12.98 -9.09
C PRO C 238 34.64 11.58 -9.16
N LEU C 239 34.27 10.86 -10.22
CA LEU C 239 34.41 9.41 -10.25
C LEU C 239 35.85 9.00 -10.52
N THR C 240 36.27 7.92 -9.86
CA THR C 240 37.60 7.37 -10.02
C THR C 240 37.49 5.91 -10.38
N PHE C 241 38.15 5.51 -11.47
CA PHE C 241 38.22 4.12 -11.89
C PHE C 241 39.58 3.54 -11.50
N GLY C 242 39.83 2.31 -11.96
CA GLY C 242 41.14 1.71 -11.89
C GLY C 242 41.71 1.59 -13.29
N ALA C 243 42.97 1.14 -13.35
CA ALA C 243 43.62 0.95 -14.64
C ALA C 243 42.99 -0.21 -15.40
N GLY C 244 42.73 -1.31 -14.72
CA GLY C 244 42.16 -2.46 -15.42
C GLY C 244 43.04 -3.69 -15.29
N THR C 245 42.40 -4.80 -14.90
CA THR C 245 43.05 -6.10 -14.83
C THR C 245 42.49 -6.98 -15.93
N LYS C 246 43.36 -7.56 -16.74
CA LYS C 246 42.96 -8.27 -17.94
C LYS C 246 43.09 -9.78 -17.73
N LEU C 247 42.03 -10.52 -18.08
CA LEU C 247 42.03 -11.97 -18.02
C LEU C 247 42.52 -12.53 -19.35
N GLU C 248 43.61 -13.29 -19.30
CA GLU C 248 44.17 -13.93 -20.48
C GLU C 248 43.66 -15.36 -20.59
N LEU C 249 43.70 -15.89 -21.82
CA LEU C 249 43.22 -17.23 -22.16
C LEU C 249 41.76 -17.45 -21.75
N SER D 8 -31.19 -24.89 -0.12
CA SER D 8 -31.56 -25.10 1.27
C SER D 8 -31.07 -26.46 1.76
N ILE D 9 -31.41 -27.52 1.01
CA ILE D 9 -30.96 -28.86 1.35
C ILE D 9 -29.45 -28.95 1.22
N ALA D 10 -28.89 -28.36 0.17
CA ALA D 10 -27.43 -28.34 0.00
C ALA D 10 -26.77 -27.53 1.10
N GLN D 11 -27.37 -26.40 1.49
CA GLN D 11 -26.84 -25.61 2.59
C GLN D 11 -26.92 -26.37 3.91
N ALA D 12 -28.01 -27.09 4.12
CA ALA D 12 -28.15 -27.90 5.34
C ALA D 12 -27.11 -29.01 5.39
N ARG D 13 -26.87 -29.67 4.25
CA ARG D 13 -25.84 -30.70 4.19
C ARG D 13 -24.45 -30.11 4.41
N LYS D 14 -24.20 -28.92 3.87
CA LYS D 14 -22.92 -28.25 4.08
C LYS D 14 -22.70 -27.91 5.53
N LEU D 15 -23.74 -27.40 6.20
CA LEU D 15 -23.64 -27.11 7.63
C LEU D 15 -23.43 -28.37 8.45
N VAL D 16 -24.12 -29.46 8.07
CA VAL D 16 -23.99 -30.71 8.80
C VAL D 16 -22.58 -31.27 8.65
N GLU D 17 -22.02 -31.18 7.44
CA GLU D 17 -20.66 -31.67 7.23
C GLU D 17 -19.63 -30.79 7.92
N GLN D 18 -19.81 -29.46 7.84
CA GLN D 18 -18.84 -28.54 8.42
C GLN D 18 -18.83 -28.63 9.95
N LEU D 19 -20.01 -28.77 10.56
CA LEU D 19 -20.05 -28.86 12.02
C LEU D 19 -19.53 -30.19 12.53
N LYS D 20 -19.35 -31.18 11.65
CA LYS D 20 -18.68 -32.41 12.06
C LYS D 20 -17.17 -32.19 12.15
N MET D 21 -16.63 -31.24 11.39
CA MET D 21 -15.18 -31.05 11.32
C MET D 21 -14.62 -30.54 12.64
N GLU D 22 -15.33 -29.62 13.30
CA GLU D 22 -14.90 -29.21 14.63
C GLU D 22 -15.26 -30.23 15.69
N ALA D 23 -16.22 -31.11 15.40
CA ALA D 23 -16.70 -32.06 16.41
C ALA D 23 -15.70 -33.19 16.64
N ASN D 24 -15.13 -33.74 15.57
CA ASN D 24 -14.32 -34.94 15.69
C ASN D 24 -12.86 -34.67 16.01
N ILE D 25 -12.52 -33.44 16.41
CA ILE D 25 -11.16 -33.10 16.81
C ILE D 25 -11.21 -32.40 18.16
N ASP D 26 -10.22 -32.70 19.00
CA ASP D 26 -9.97 -31.93 20.21
C ASP D 26 -8.50 -32.13 20.54
N ARG D 27 -7.91 -31.14 21.21
CA ARG D 27 -6.46 -31.18 21.44
C ARG D 27 -6.09 -31.25 22.91
N ILE D 28 -6.50 -30.28 23.73
CA ILE D 28 -5.90 -30.08 25.05
C ILE D 28 -6.98 -29.54 25.98
N LYS D 29 -6.74 -29.70 27.28
CA LYS D 29 -7.60 -29.14 28.33
C LYS D 29 -6.88 -28.04 29.10
N VAL D 30 -6.09 -27.23 28.40
CA VAL D 30 -5.32 -26.12 28.94
C VAL D 30 -4.39 -26.70 30.02
N SER D 31 -3.64 -27.73 29.65
CA SER D 31 -2.61 -28.26 30.55
C SER D 31 -1.28 -27.55 30.34
N LYS D 32 -0.92 -27.33 29.08
CA LYS D 32 0.20 -26.46 28.72
C LYS D 32 -0.20 -25.43 27.68
N ALA D 33 -1.50 -25.29 27.38
CA ALA D 33 -1.95 -24.37 26.35
C ALA D 33 -1.80 -22.91 26.80
N ALA D 34 -1.65 -22.69 28.11
CA ALA D 34 -1.28 -21.38 28.62
C ALA D 34 0.11 -21.35 29.21
N ALA D 35 0.71 -22.52 29.46
CA ALA D 35 2.09 -22.56 29.94
C ALA D 35 3.07 -22.29 28.82
N ASP D 36 2.70 -22.61 27.57
CA ASP D 36 3.59 -22.34 26.45
C ASP D 36 3.73 -20.85 26.18
N LEU D 37 2.65 -20.08 26.37
CA LEU D 37 2.75 -18.62 26.23
C LEU D 37 3.72 -18.03 27.24
N MET D 38 3.57 -18.39 28.52
CA MET D 38 4.44 -17.84 29.55
C MET D 38 5.85 -18.41 29.46
N ALA D 39 6.04 -19.57 28.84
CA ALA D 39 7.39 -20.07 28.59
C ALA D 39 8.04 -19.31 27.46
N TYR D 40 7.30 -19.06 26.37
CA TYR D 40 7.88 -18.41 25.20
C TYR D 40 8.19 -16.94 25.46
N CYS D 41 7.30 -16.25 26.18
CA CYS D 41 7.50 -14.81 26.37
C CYS D 41 8.68 -14.53 27.28
N GLU D 42 8.99 -15.44 28.21
CA GLU D 42 10.11 -15.24 29.10
C GLU D 42 11.44 -15.38 28.37
N ALA D 43 11.53 -16.36 27.46
CA ALA D 43 12.78 -16.59 26.74
C ALA D 43 13.01 -15.54 25.67
N HIS D 44 11.95 -15.08 25.01
CA HIS D 44 12.07 -14.16 23.90
C HIS D 44 11.92 -12.70 24.30
N ALA D 45 11.83 -12.40 25.60
CA ALA D 45 11.70 -11.02 26.06
C ALA D 45 12.95 -10.22 25.76
N LYS D 46 14.12 -10.85 25.82
CA LYS D 46 15.36 -10.16 25.52
C LYS D 46 15.45 -9.80 24.04
N GLU D 47 14.84 -10.63 23.18
CA GLU D 47 14.87 -10.36 21.75
C GLU D 47 14.01 -9.15 21.41
N ASP D 48 12.87 -8.99 22.06
CA ASP D 48 11.94 -7.91 21.75
C ASP D 48 12.45 -6.59 22.32
N PRO D 49 12.67 -5.57 21.50
CA PRO D 49 13.07 -4.26 22.02
C PRO D 49 11.92 -3.32 22.34
N LEU D 50 10.68 -3.78 22.20
CA LEU D 50 9.53 -2.93 22.52
C LEU D 50 9.29 -2.83 24.02
N LEU D 51 9.90 -3.72 24.82
CA LEU D 51 9.73 -3.72 26.25
C LEU D 51 10.90 -3.08 26.99
N THR D 52 12.13 -3.41 26.62
CA THR D 52 13.32 -2.86 27.23
C THR D 52 14.24 -2.32 26.13
N PRO D 53 14.00 -1.10 25.68
CA PRO D 53 14.85 -0.51 24.64
C PRO D 53 16.20 -0.07 25.22
N VAL D 54 17.21 -0.09 24.35
CA VAL D 54 18.55 0.34 24.72
C VAL D 54 19.08 1.31 23.66
N PRO D 55 18.59 2.55 23.60
CA PRO D 55 19.06 3.51 22.58
C PRO D 55 20.30 4.29 23.03
N ALA D 56 21.30 3.58 23.52
CA ALA D 56 22.54 4.19 23.97
C ALA D 56 23.69 4.05 22.99
N SER D 57 23.76 2.94 22.27
CA SER D 57 24.81 2.72 21.28
C SER D 57 24.23 2.30 19.95
N GLU D 58 23.04 1.70 19.97
CA GLU D 58 22.42 1.22 18.74
C GLU D 58 21.81 2.38 17.95
N ASN D 59 20.81 3.05 18.55
CA ASN D 59 20.06 4.17 17.97
C ASN D 59 19.49 3.83 16.61
N PRO D 60 18.48 2.96 16.53
CA PRO D 60 17.92 2.60 15.22
C PRO D 60 17.18 3.74 14.54
N PHE D 61 16.61 4.64 15.33
CA PHE D 61 15.98 5.85 14.84
C PHE D 61 16.45 7.02 15.68
N ARG D 62 16.46 8.21 15.09
CA ARG D 62 16.83 9.41 15.82
C ARG D 62 15.59 10.17 16.28
#